data_7OYV
#
_entry.id   7OYV
#
_cell.length_a   73.613
_cell.length_b   122.576
_cell.length_c   190.320
_cell.angle_alpha   90.000
_cell.angle_beta   90.000
_cell.angle_gamma   90.000
#
_symmetry.space_group_name_H-M   'C 2 2 21'
#
loop_
_entity.id
_entity.type
_entity.pdbx_description
1 polymer 'Putrescine-binding periplasmic protein'
2 non-polymer (2~{R})-1-[(2~{R})-1-[(2~{R})-1-(2-methoxyethoxy)propan-2-yl]oxypropan-2-yl]oxypropan-2-amine
3 non-polymer (2R)-1-methoxypropan-2-amine
4 non-polymer SPERMIDINE
5 non-polymer (2~{S})-1-methoxypropan-2-amine
6 non-polymer 'CHLORIDE ION'
7 water water
#
_entity_poly.entity_id   1
_entity_poly.type   'polypeptide(L)'
_entity_poly.pdbx_seq_one_letter_code
;AEQKTLHIYNWTDYIAPDTVANFEKETGIKVVYDVFDSNEVLEGKLMAGSTGFDLVVPSAYALERQLTAGVFQPLDKSKL
PEWKNLDPELLKLVAKHDPDNKFAMPYMWATTGIGYNVDKVKAVLGENAPVDSWDLILKPENLEKLKSCGVSFLDDPEEV
FATVLNYLGKDPNSTKADDYTGPATDLLLKLRPNIRYFHSSQYINDLANGDICVAIGWAGDVWQASNRAKEAKNGVNVSF
SIPKEGAMAWFDVFAMPADAKNKDEAYQFLNYLLRPDVVAHISDHVFYANANKAATPLVSAEVRENPGIYPPADVRAKLF
TQKVQDPKIDRVRTRAWTKVKSGKLEHHHHHH
;
_entity_poly.pdbx_strand_id   A,B
#
loop_
_chem_comp.id
_chem_comp.type
_chem_comp.name
_chem_comp.formula
3IE non-polymer (2~{S})-1-methoxypropan-2-amine 'C4 H11 N O'
3IZ non-polymer (2~{R})-1-[(2~{R})-1-[(2~{R})-1-(2-methoxyethoxy)propan-2-yl]oxypropan-2-yl]oxypropan-2-amine 'C12 H27 N O4'
CL non-polymer 'CHLORIDE ION' 'Cl -1'
JFN non-polymer (2R)-1-methoxypropan-2-amine 'C4 H11 N O'
SPD non-polymer SPERMIDINE 'C7 H19 N3'
#
# COMPACT_ATOMS: atom_id res chain seq x y z
N GLN A 3 -27.13 17.48 0.68
CA GLN A 3 -25.79 17.47 1.27
C GLN A 3 -24.77 16.73 0.41
N LYS A 4 -23.75 17.45 -0.06
CA LYS A 4 -22.68 16.84 -0.85
C LYS A 4 -21.43 16.65 0.00
N THR A 5 -20.61 15.67 -0.40
CA THR A 5 -19.41 15.29 0.35
C THR A 5 -18.21 15.29 -0.58
N LEU A 6 -17.14 15.96 -0.16
CA LEU A 6 -15.92 16.07 -0.95
C LEU A 6 -14.90 15.09 -0.40
N HIS A 7 -14.42 14.16 -1.23
CA HIS A 7 -13.38 13.20 -0.85
C HIS A 7 -12.01 13.68 -1.32
N ILE A 8 -11.05 13.72 -0.40
CA ILE A 8 -9.71 14.26 -0.66
C ILE A 8 -8.67 13.24 -0.23
N TYR A 9 -7.72 12.93 -1.12
CA TYR A 9 -6.65 11.95 -0.88
C TYR A 9 -5.35 12.73 -0.91
N ASN A 10 -4.71 12.88 0.24
CA ASN A 10 -3.54 13.74 0.39
C ASN A 10 -2.45 12.97 1.12
N TRP A 11 -1.22 13.49 1.06
CA TRP A 11 -0.15 12.94 1.88
C TRP A 11 -0.46 13.08 3.36
N THR A 12 0.13 12.20 4.15
CA THR A 12 0.12 12.32 5.60
C THR A 12 0.87 13.58 6.01
N ASP A 13 0.53 14.11 7.19
CA ASP A 13 1.27 15.22 7.78
C ASP A 13 1.45 16.34 6.75
N TYR A 14 0.36 16.67 6.07
CA TYR A 14 0.42 17.56 4.93
C TYR A 14 -0.73 18.58 4.93
N ILE A 15 -1.24 18.94 6.10
CA ILE A 15 -2.34 19.90 6.19
C ILE A 15 -2.39 20.41 7.62
N ALA A 16 -3.01 21.58 7.81
CA ALA A 16 -3.14 22.03 9.19
C ALA A 16 -4.31 21.31 9.85
N PRO A 17 -4.26 21.12 11.17
CA PRO A 17 -5.31 20.33 11.85
C PRO A 17 -6.70 20.91 11.73
N ASP A 18 -6.83 22.17 11.35
CA ASP A 18 -8.13 22.80 11.24
C ASP A 18 -8.47 23.24 9.82
N THR A 19 -7.60 22.98 8.84
CA THR A 19 -7.89 23.40 7.48
C THR A 19 -9.21 22.84 7.00
N VAL A 20 -9.42 21.53 7.17
CA VAL A 20 -10.64 20.90 6.68
C VAL A 20 -11.86 21.40 7.45
N ALA A 21 -11.75 21.51 8.77
CA ALA A 21 -12.89 21.98 9.55
C ALA A 21 -13.27 23.41 9.17
N ASN A 22 -12.27 24.27 8.94
CA ASN A 22 -12.55 25.63 8.51
C ASN A 22 -13.20 25.66 7.15
N PHE A 23 -12.88 24.70 6.30
CA PHE A 23 -13.52 24.61 4.99
C PHE A 23 -14.98 24.19 5.13
N GLU A 24 -15.24 23.20 5.98
CA GLU A 24 -16.60 22.74 6.18
C GLU A 24 -17.49 23.84 6.73
N LYS A 25 -16.99 24.59 7.73
CA LYS A 25 -17.77 25.68 8.31
C LYS A 25 -18.13 26.72 7.27
N GLU A 26 -17.16 27.09 6.42
CA GLU A 26 -17.38 28.19 5.49
C GLU A 26 -18.35 27.79 4.38
N THR A 27 -18.24 26.56 3.88
CA THR A 27 -18.97 26.16 2.68
C THR A 27 -20.19 25.28 2.95
N GLY A 28 -20.27 24.64 4.12
CA GLY A 28 -21.29 23.63 4.34
C GLY A 28 -21.03 22.30 3.67
N ILE A 29 -19.89 22.14 2.99
CA ILE A 29 -19.54 20.88 2.34
C ILE A 29 -18.88 19.95 3.35
N LYS A 30 -19.38 18.72 3.46
CA LYS A 30 -18.74 17.74 4.31
C LYS A 30 -17.55 17.10 3.60
N VAL A 31 -16.43 16.96 4.30
CA VAL A 31 -15.19 16.49 3.71
C VAL A 31 -14.82 15.16 4.35
N VAL A 32 -14.54 14.17 3.52
CA VAL A 32 -13.90 12.92 3.93
C VAL A 32 -12.46 12.99 3.49
N TYR A 33 -11.53 12.86 4.43
CA TYR A 33 -10.10 13.10 4.21
C TYR A 33 -9.34 11.80 4.50
N ASP A 34 -8.73 11.21 3.47
CA ASP A 34 -7.88 10.03 3.61
C ASP A 34 -6.45 10.43 3.24
N VAL A 35 -5.48 9.62 3.70
CA VAL A 35 -4.06 9.94 3.55
C VAL A 35 -3.29 8.72 3.06
N PHE A 36 -2.17 9.01 2.40
CA PHE A 36 -1.21 8.02 1.92
C PHE A 36 0.19 8.58 2.16
N ASP A 37 1.21 7.75 2.02
CA ASP A 37 2.56 8.26 2.23
C ASP A 37 3.47 7.86 1.07
N SER A 38 2.88 7.64 -0.11
CA SER A 38 3.63 7.13 -1.24
C SER A 38 2.97 7.52 -2.55
N ASN A 39 3.78 7.96 -3.50
CA ASN A 39 3.28 8.16 -4.86
C ASN A 39 2.84 6.85 -5.51
N GLU A 40 3.56 5.73 -5.29
CA GLU A 40 3.13 4.53 -5.99
C GLU A 40 1.79 4.03 -5.48
N VAL A 41 1.52 4.17 -4.17
CA VAL A 41 0.21 3.84 -3.63
C VAL A 41 -0.87 4.65 -4.34
N LEU A 42 -0.67 5.98 -4.43
CA LEU A 42 -1.66 6.84 -5.06
C LEU A 42 -1.79 6.54 -6.55
N GLU A 43 -0.65 6.41 -7.24
CA GLU A 43 -0.69 6.09 -8.67
C GLU A 43 -1.35 4.75 -8.93
N GLY A 44 -1.12 3.78 -8.05
CA GLY A 44 -1.74 2.47 -8.23
C GLY A 44 -3.25 2.57 -8.27
N LYS A 45 -3.83 3.32 -7.33
CA LYS A 45 -5.28 3.52 -7.29
C LYS A 45 -5.75 4.28 -8.52
N LEU A 46 -5.01 5.29 -8.94
CA LEU A 46 -5.40 6.08 -10.10
C LEU A 46 -5.38 5.26 -11.38
N MET A 47 -4.50 4.25 -11.46
CA MET A 47 -4.40 3.43 -12.66
C MET A 47 -5.33 2.22 -12.65
N ALA A 48 -5.62 1.67 -11.47
CA ALA A 48 -6.32 0.39 -11.42
C ALA A 48 -7.82 0.53 -11.52
N GLY A 49 -8.37 1.65 -11.07
CA GLY A 49 -9.81 1.79 -11.14
C GLY A 49 -10.29 3.12 -10.61
N SER A 50 -11.47 3.13 -10.02
CA SER A 50 -12.12 4.36 -9.58
CA SER A 50 -12.10 4.37 -9.59
C SER A 50 -11.72 4.63 -8.14
N THR A 51 -10.98 5.73 -7.91
CA THR A 51 -10.52 6.02 -6.56
C THR A 51 -11.63 6.53 -5.66
N GLY A 52 -12.72 7.06 -6.22
CA GLY A 52 -13.72 7.70 -5.39
C GLY A 52 -13.33 9.06 -4.84
N PHE A 53 -12.12 9.54 -5.11
CA PHE A 53 -11.67 10.83 -4.62
C PHE A 53 -11.95 11.93 -5.64
N ASP A 54 -12.33 13.11 -5.12
CA ASP A 54 -12.57 14.28 -5.96
C ASP A 54 -11.32 15.09 -6.20
N LEU A 55 -10.37 15.05 -5.26
CA LEU A 55 -9.05 15.66 -5.39
C LEU A 55 -8.01 14.66 -4.88
N VAL A 56 -6.86 14.60 -5.54
CA VAL A 56 -5.74 13.80 -5.07
C VAL A 56 -4.51 14.69 -5.16
N VAL A 57 -3.42 14.30 -4.49
CA VAL A 57 -2.25 15.17 -4.43
C VAL A 57 -0.97 14.45 -4.83
N PRO A 58 -0.74 14.18 -6.11
CA PRO A 58 0.50 13.53 -6.53
C PRO A 58 1.64 14.51 -6.73
N SER A 59 2.86 13.96 -6.78
CA SER A 59 4.01 14.76 -7.16
C SER A 59 3.91 15.10 -8.64
N ALA A 60 4.54 16.22 -9.02
CA ALA A 60 4.43 16.72 -10.39
C ALA A 60 4.95 15.71 -11.40
N TYR A 61 6.07 15.05 -11.11
CA TYR A 61 6.63 14.09 -12.05
C TYR A 61 5.72 12.87 -12.21
N ALA A 62 5.07 12.45 -11.12
CA ALA A 62 4.13 11.34 -11.20
C ALA A 62 2.86 11.74 -11.91
N LEU A 63 2.43 13.00 -11.74
CA LEU A 63 1.31 13.53 -12.49
C LEU A 63 1.52 13.33 -13.99
N GLU A 64 2.76 13.49 -14.46
CA GLU A 64 3.06 13.34 -15.88
C GLU A 64 2.72 11.93 -16.37
N ARG A 65 3.10 10.90 -15.60
CA ARG A 65 2.76 9.53 -15.98
C ARG A 65 1.26 9.33 -15.99
N GLN A 66 0.57 9.89 -14.98
CA GLN A 66 -0.86 9.68 -14.84
C GLN A 66 -1.63 10.36 -15.96
N LEU A 67 -1.14 11.50 -16.45
CA LEU A 67 -1.79 12.20 -17.55
C LEU A 67 -1.83 11.36 -18.81
N THR A 68 -0.76 10.59 -19.07
CA THR A 68 -0.74 9.77 -20.28
C THR A 68 -1.76 8.65 -20.25
N ALA A 69 -2.34 8.36 -19.10
CA ALA A 69 -3.43 7.39 -18.99
C ALA A 69 -4.79 8.07 -18.93
N GLY A 70 -4.84 9.39 -18.92
CA GLY A 70 -6.11 10.09 -18.93
C GLY A 70 -6.86 10.03 -17.63
N VAL A 71 -6.15 9.91 -16.50
CA VAL A 71 -6.86 9.72 -15.24
C VAL A 71 -7.35 11.03 -14.65
N PHE A 72 -6.98 12.17 -15.23
CA PHE A 72 -7.36 13.45 -14.69
C PHE A 72 -8.17 14.27 -15.70
N GLN A 73 -8.91 15.20 -15.16
CA GLN A 73 -9.62 16.08 -16.07
C GLN A 73 -9.08 17.50 -15.99
N PRO A 74 -9.20 18.28 -17.06
CA PRO A 74 -8.58 19.62 -17.05
C PRO A 74 -9.25 20.54 -16.05
N LEU A 75 -8.44 21.37 -15.40
CA LEU A 75 -8.98 22.31 -14.41
C LEU A 75 -9.60 23.48 -15.16
N ASP A 76 -10.87 23.73 -14.90
CA ASP A 76 -11.55 24.89 -15.47
C ASP A 76 -11.03 26.13 -14.78
N LYS A 77 -10.17 26.89 -15.48
CA LYS A 77 -9.53 28.05 -14.88
C LYS A 77 -10.54 29.15 -14.52
N SER A 78 -11.68 29.21 -15.21
CA SER A 78 -12.70 30.20 -14.87
C SER A 78 -13.32 29.94 -13.50
N LYS A 79 -13.23 28.71 -12.99
CA LYS A 79 -13.72 28.38 -11.66
C LYS A 79 -12.66 28.54 -10.58
N LEU A 80 -11.47 29.02 -10.95
CA LEU A 80 -10.36 29.26 -10.04
C LEU A 80 -9.93 30.73 -10.20
N PRO A 81 -10.77 31.67 -9.75
CA PRO A 81 -10.47 33.09 -10.00
C PRO A 81 -9.18 33.56 -9.35
N GLU A 82 -8.78 32.94 -8.24
CA GLU A 82 -7.55 33.32 -7.54
CA GLU A 82 -7.56 33.28 -7.51
C GLU A 82 -6.33 32.55 -8.04
N TRP A 83 -6.43 31.90 -9.20
CA TRP A 83 -5.31 31.14 -9.73
C TRP A 83 -4.05 31.99 -9.83
N LYS A 84 -4.22 33.30 -9.96
CA LYS A 84 -3.16 34.29 -10.08
C LYS A 84 -2.28 34.37 -8.85
N ASN A 85 -2.68 33.78 -7.72
CA ASN A 85 -1.83 33.82 -6.54
C ASN A 85 -0.66 32.85 -6.61
N LEU A 86 -0.67 31.93 -7.57
CA LEU A 86 0.38 30.93 -7.70
C LEU A 86 1.64 31.51 -8.33
N ASP A 87 2.78 31.02 -7.88
CA ASP A 87 4.09 31.45 -8.35
C ASP A 87 4.27 31.08 -9.83
N PRO A 88 4.55 32.06 -10.70
CA PRO A 88 4.77 31.71 -12.12
C PRO A 88 6.03 30.89 -12.34
N GLU A 89 7.10 31.14 -11.58
CA GLU A 89 8.27 30.29 -11.70
C GLU A 89 7.99 28.88 -11.18
N LEU A 90 7.12 28.77 -10.16
CA LEU A 90 6.71 27.44 -9.72
C LEU A 90 5.74 26.82 -10.71
N LEU A 91 4.88 27.61 -11.35
CA LEU A 91 4.01 27.08 -12.39
C LEU A 91 4.79 26.59 -13.59
N LYS A 92 5.82 27.33 -14.01
CA LYS A 92 6.63 26.93 -15.16
C LYS A 92 7.39 25.65 -14.87
N LEU A 93 7.85 25.47 -13.62
CA LEU A 93 8.51 24.23 -13.24
C LEU A 93 7.54 23.05 -13.27
N VAL A 94 6.32 23.26 -12.76
CA VAL A 94 5.30 22.23 -12.86
C VAL A 94 4.87 22.03 -14.31
N ALA A 95 4.96 23.07 -15.13
CA ALA A 95 4.53 22.96 -16.52
C ALA A 95 5.39 22.00 -17.32
N LYS A 96 6.62 21.69 -16.88
CA LYS A 96 7.39 20.67 -17.59
C LYS A 96 6.74 19.30 -17.48
N HIS A 97 5.98 19.06 -16.42
CA HIS A 97 5.21 17.82 -16.30
C HIS A 97 3.77 17.97 -16.73
N ASP A 98 3.23 19.19 -16.68
CA ASP A 98 1.84 19.47 -17.00
C ASP A 98 1.84 20.66 -17.95
N PRO A 99 1.98 20.42 -19.25
CA PRO A 99 2.09 21.54 -20.19
C PRO A 99 0.93 22.52 -20.04
N ASP A 100 1.27 23.80 -20.05
CA ASP A 100 0.31 24.89 -19.91
C ASP A 100 -0.44 24.86 -18.58
N ASN A 101 0.01 24.04 -17.63
CA ASN A 101 -0.62 23.92 -16.31
C ASN A 101 -2.12 23.65 -16.42
N LYS A 102 -2.48 22.70 -17.28
CA LYS A 102 -3.88 22.44 -17.57
C LYS A 102 -4.56 21.51 -16.56
N PHE A 103 -3.81 20.74 -15.77
CA PHE A 103 -4.43 19.72 -14.94
C PHE A 103 -4.16 19.86 -13.46
N ALA A 104 -3.11 20.57 -13.06
CA ALA A 104 -2.63 20.49 -11.68
C ALA A 104 -2.45 21.88 -11.06
N MET A 105 -2.71 21.94 -9.76
CA MET A 105 -2.49 23.16 -8.99
CA MET A 105 -2.49 23.17 -8.97
C MET A 105 -1.32 22.96 -8.03
N PRO A 106 -0.20 23.66 -8.22
CA PRO A 106 0.93 23.47 -7.30
C PRO A 106 0.50 23.75 -5.87
N TYR A 107 0.80 22.82 -4.99
CA TYR A 107 0.35 22.83 -3.60
C TYR A 107 1.48 23.23 -2.67
N MET A 108 2.47 22.33 -2.53
CA MET A 108 3.65 22.53 -1.72
C MET A 108 4.86 22.03 -2.49
N TRP A 109 6.05 22.46 -2.05
CA TRP A 109 7.30 21.99 -2.64
C TRP A 109 8.38 21.92 -1.57
N ALA A 110 9.29 20.97 -1.73
CA ALA A 110 10.37 20.82 -0.76
C ALA A 110 11.48 19.99 -1.38
N THR A 111 12.37 19.48 -0.55
CA THR A 111 13.51 18.68 -0.99
C THR A 111 13.52 17.35 -0.24
N THR A 112 14.38 16.44 -0.69
CA THR A 112 14.60 15.15 -0.05
C THR A 112 16.05 15.09 0.43
N GLY A 113 16.26 15.19 1.74
CA GLY A 113 17.59 15.24 2.29
C GLY A 113 17.73 14.32 3.49
N ILE A 114 18.52 14.75 4.46
CA ILE A 114 18.86 13.96 5.63
C ILE A 114 18.28 14.66 6.85
N GLY A 115 17.41 13.97 7.56
CA GLY A 115 16.98 14.39 8.89
C GLY A 115 17.78 13.60 9.91
N TYR A 116 18.17 14.26 11.00
CA TYR A 116 19.08 13.57 11.90
C TYR A 116 18.97 14.13 13.31
N ASN A 117 19.32 13.28 14.27
CA ASN A 117 19.44 13.65 15.68
C ASN A 117 20.80 14.30 15.90
N VAL A 118 20.80 15.61 16.12
CA VAL A 118 22.04 16.37 16.15
C VAL A 118 22.99 15.84 17.22
N ASP A 119 22.47 15.62 18.43
CA ASP A 119 23.34 15.28 19.55
C ASP A 119 23.82 13.84 19.47
N LYS A 120 22.97 12.92 19.02
CA LYS A 120 23.40 11.53 18.92
C LYS A 120 24.41 11.34 17.79
N VAL A 121 24.18 12.02 16.66
CA VAL A 121 25.14 11.98 15.55
C VAL A 121 26.49 12.49 16.04
N LYS A 122 26.50 13.64 16.69
CA LYS A 122 27.73 14.21 17.20
C LYS A 122 28.35 13.33 18.29
N ALA A 123 27.53 12.55 18.99
CA ALA A 123 28.07 11.64 20.00
C ALA A 123 28.70 10.42 19.36
N VAL A 124 28.12 9.92 18.27
CA VAL A 124 28.63 8.72 17.62
C VAL A 124 29.79 9.06 16.70
N LEU A 125 29.62 10.10 15.88
CA LEU A 125 30.61 10.44 14.87
C LEU A 125 31.47 11.64 15.23
N GLY A 126 31.31 12.20 16.43
CA GLY A 126 32.07 13.38 16.81
C GLY A 126 31.47 14.65 16.24
N GLU A 127 31.93 15.79 16.76
CA GLU A 127 31.36 17.06 16.32
C GLU A 127 31.70 17.41 14.88
N ASN A 128 32.68 16.73 14.27
CA ASN A 128 32.99 16.95 12.86
C ASN A 128 32.27 15.95 11.96
N ALA A 129 31.11 15.45 12.37
CA ALA A 129 30.36 14.53 11.55
C ALA A 129 29.91 15.24 10.27
N PRO A 130 29.89 14.54 9.13
CA PRO A 130 29.58 15.21 7.84
C PRO A 130 28.10 15.50 7.66
N VAL A 131 27.54 16.31 8.58
CA VAL A 131 26.13 16.65 8.51
C VAL A 131 25.78 17.48 7.29
N ASP A 132 26.78 18.05 6.61
CA ASP A 132 26.56 18.82 5.39
C ASP A 132 26.65 17.95 4.14
N SER A 133 26.76 16.63 4.30
CA SER A 133 27.03 15.75 3.16
C SER A 133 26.25 14.45 3.30
N TRP A 134 25.89 13.88 2.15
CA TRP A 134 25.33 12.54 2.07
C TRP A 134 26.27 11.46 2.63
N ASP A 135 27.53 11.79 2.93
CA ASP A 135 28.41 10.81 3.55
C ASP A 135 27.88 10.34 4.89
N LEU A 136 27.03 11.15 5.52
CA LEU A 136 26.49 10.80 6.82
C LEU A 136 25.71 9.50 6.78
N ILE A 137 25.02 9.23 5.67
CA ILE A 137 24.06 8.13 5.64
C ILE A 137 24.30 7.20 4.44
N LEU A 138 25.13 7.64 3.48
CA LEU A 138 25.38 6.81 2.30
C LEU A 138 26.78 6.24 2.25
N LYS A 139 27.64 6.61 3.18
CA LYS A 139 28.95 6.00 3.27
C LYS A 139 28.88 4.84 4.25
N PRO A 140 29.20 3.60 3.83
CA PRO A 140 29.05 2.45 4.73
C PRO A 140 29.80 2.56 6.04
N GLU A 141 31.00 3.13 6.04
CA GLU A 141 31.73 3.30 7.30
C GLU A 141 30.91 4.14 8.29
N ASN A 142 30.16 5.12 7.80
CA ASN A 142 29.34 5.91 8.71
C ASN A 142 28.08 5.17 9.12
N LEU A 143 27.41 4.50 8.18
CA LEU A 143 26.21 3.75 8.51
C LEU A 143 26.49 2.61 9.47
N GLU A 144 27.69 2.00 9.38
CA GLU A 144 28.08 0.96 10.32
C GLU A 144 28.15 1.50 11.75
N LYS A 145 28.60 2.74 11.91
CA LYS A 145 28.65 3.35 13.24
C LYS A 145 27.27 3.78 13.73
N LEU A 146 26.38 4.18 12.83
CA LEU A 146 25.07 4.67 13.21
C LEU A 146 24.00 3.59 13.25
N LYS A 147 24.34 2.34 12.96
CA LYS A 147 23.31 1.31 12.86
C LYS A 147 22.52 1.20 14.16
N SER A 148 23.21 1.24 15.31
CA SER A 148 22.53 0.94 16.56
C SER A 148 21.63 2.08 17.02
N CYS A 149 21.92 3.32 16.63
CA CYS A 149 21.00 4.36 17.04
CA CYS A 149 21.07 4.45 16.94
C CYS A 149 19.78 4.46 16.12
N GLY A 150 19.80 3.82 14.96
CA GLY A 150 18.63 3.80 14.09
C GLY A 150 18.82 4.55 12.79
N VAL A 151 18.71 3.86 11.66
CA VAL A 151 18.81 4.44 10.33
C VAL A 151 17.56 4.06 9.55
N SER A 152 16.92 5.04 8.91
CA SER A 152 15.77 4.73 8.07
C SER A 152 15.95 5.35 6.69
N PHE A 153 15.50 4.62 5.67
CA PHE A 153 15.42 5.10 4.30
C PHE A 153 13.96 5.23 3.92
N LEU A 154 13.68 6.19 3.04
CA LEU A 154 12.35 6.27 2.45
C LEU A 154 12.02 4.96 1.74
N ASP A 155 10.74 4.58 1.81
CA ASP A 155 10.24 3.46 1.02
C ASP A 155 9.80 3.97 -0.35
N ASP A 156 10.78 4.43 -1.09
CA ASP A 156 10.56 5.11 -2.36
C ASP A 156 11.74 4.80 -3.27
N PRO A 157 11.57 3.89 -4.24
CA PRO A 157 12.70 3.51 -5.12
C PRO A 157 13.25 4.64 -5.97
N GLU A 158 12.38 5.55 -6.45
CA GLU A 158 12.87 6.61 -7.31
C GLU A 158 13.73 7.60 -6.53
N GLU A 159 13.34 7.90 -5.29
CA GLU A 159 14.12 8.82 -4.47
C GLU A 159 15.46 8.20 -4.08
N VAL A 160 15.42 6.97 -3.58
CA VAL A 160 16.63 6.33 -3.10
C VAL A 160 17.63 6.17 -4.24
N PHE A 161 17.17 5.68 -5.39
CA PHE A 161 18.11 5.43 -6.48
C PHE A 161 18.62 6.73 -7.08
N ALA A 162 17.79 7.77 -7.15
CA ALA A 162 18.28 9.05 -7.64
C ALA A 162 19.34 9.63 -6.72
N THR A 163 19.18 9.46 -5.41
CA THR A 163 20.17 9.99 -4.48
C THR A 163 21.45 9.18 -4.49
N VAL A 164 21.35 7.86 -4.67
CA VAL A 164 22.52 7.00 -4.70
C VAL A 164 23.33 7.23 -5.98
N LEU A 165 22.65 7.30 -7.13
CA LEU A 165 23.37 7.56 -8.37
C LEU A 165 24.06 8.92 -8.34
N ASN A 166 23.35 9.94 -7.84
CA ASN A 166 23.96 11.27 -7.69
C ASN A 166 25.18 11.21 -6.77
N TYR A 167 25.06 10.47 -5.67
CA TYR A 167 26.15 10.38 -4.71
C TYR A 167 27.35 9.64 -5.29
N LEU A 168 27.11 8.77 -6.27
CA LEU A 168 28.17 8.05 -6.95
C LEU A 168 28.71 8.82 -8.14
N GLY A 169 28.31 10.07 -8.32
CA GLY A 169 28.76 10.82 -9.46
C GLY A 169 28.06 10.49 -10.75
N LYS A 170 27.00 9.69 -10.71
CA LYS A 170 26.20 9.38 -11.88
C LYS A 170 25.10 10.42 -12.05
N ASP A 171 24.49 10.43 -13.23
CA ASP A 171 23.29 11.20 -13.45
C ASP A 171 22.21 10.73 -12.48
N PRO A 172 21.61 11.61 -11.66
CA PRO A 172 20.50 11.19 -10.79
C PRO A 172 19.38 10.50 -11.54
N ASN A 173 19.14 10.92 -12.78
CA ASN A 173 18.12 10.33 -13.65
C ASN A 173 18.77 9.49 -14.74
N SER A 174 19.70 8.64 -14.36
CA SER A 174 20.45 7.85 -15.34
C SER A 174 19.55 6.96 -16.17
N THR A 175 19.77 6.97 -17.49
CA THR A 175 19.05 6.08 -18.40
C THR A 175 19.90 4.89 -18.84
N LYS A 176 20.95 4.56 -18.09
CA LYS A 176 21.77 3.39 -18.38
C LYS A 176 21.54 2.33 -17.30
N ALA A 177 20.99 1.19 -17.70
CA ALA A 177 20.61 0.17 -16.73
C ALA A 177 21.81 -0.30 -15.89
N ASP A 178 23.01 -0.32 -16.48
CA ASP A 178 24.17 -0.78 -15.74
C ASP A 178 24.47 0.11 -14.52
N ASP A 179 24.04 1.36 -14.54
CA ASP A 179 24.21 2.20 -13.34
C ASP A 179 23.42 1.65 -12.17
N TYR A 180 22.20 1.14 -12.42
CA TYR A 180 21.34 0.69 -11.33
C TYR A 180 21.74 -0.69 -10.82
N THR A 181 21.93 -1.66 -11.73
CA THR A 181 22.29 -3.03 -11.34
C THR A 181 23.73 -3.12 -10.85
N GLY A 182 24.59 -2.24 -11.30
CA GLY A 182 25.98 -2.26 -10.90
C GLY A 182 26.21 -1.44 -9.66
N PRO A 183 26.76 -0.23 -9.84
CA PRO A 183 27.22 0.53 -8.67
C PRO A 183 26.10 0.98 -7.74
N ALA A 184 24.91 1.26 -8.22
CA ALA A 184 23.84 1.67 -7.29
C ALA A 184 23.46 0.52 -6.38
N THR A 185 23.21 -0.66 -6.95
CA THR A 185 22.88 -1.82 -6.13
C THR A 185 24.04 -2.20 -5.22
N ASP A 186 25.28 -2.07 -5.70
CA ASP A 186 26.44 -2.43 -4.89
C ASP A 186 26.50 -1.64 -3.59
N LEU A 187 26.33 -0.31 -3.68
CA LEU A 187 26.40 0.53 -2.50
C LEU A 187 25.24 0.25 -1.55
N LEU A 188 24.03 0.11 -2.09
CA LEU A 188 22.87 -0.13 -1.23
C LEU A 188 23.03 -1.43 -0.45
N LEU A 189 23.50 -2.50 -1.12
CA LEU A 189 23.73 -3.76 -0.43
C LEU A 189 24.79 -3.62 0.66
N LYS A 190 25.81 -2.77 0.45
CA LYS A 190 26.75 -2.51 1.52
C LYS A 190 26.10 -1.72 2.65
N LEU A 191 25.15 -0.84 2.32
CA LEU A 191 24.43 -0.09 3.34
C LEU A 191 23.31 -0.91 3.96
N ARG A 192 22.69 -1.80 3.19
CA ARG A 192 21.49 -2.53 3.62
C ARG A 192 21.54 -3.12 5.03
N PRO A 193 22.63 -3.78 5.47
CA PRO A 193 22.58 -4.39 6.82
C PRO A 193 22.49 -3.36 7.95
N ASN A 194 22.82 -2.10 7.69
CA ASN A 194 22.74 -1.08 8.74
C ASN A 194 21.44 -0.31 8.75
N ILE A 195 20.56 -0.53 7.76
CA ILE A 195 19.29 0.20 7.67
C ILE A 195 18.26 -0.52 8.52
N ARG A 196 17.66 0.18 9.49
CA ARG A 196 16.67 -0.45 10.33
C ARG A 196 15.39 -0.78 9.56
N TYR A 197 14.87 0.18 8.80
CA TYR A 197 13.67 -0.08 8.00
C TYR A 197 13.58 0.90 6.84
N PHE A 198 12.79 0.53 5.85
CA PHE A 198 12.40 1.41 4.75
C PHE A 198 10.96 1.89 5.02
N HIS A 199 10.80 3.17 5.27
CA HIS A 199 9.46 3.69 5.52
C HIS A 199 9.47 5.20 5.32
N SER A 200 8.36 5.73 4.78
CA SER A 200 8.25 7.12 4.38
C SER A 200 7.39 7.93 5.32
N SER A 201 7.06 7.42 6.50
CA SER A 201 6.29 8.25 7.42
C SER A 201 6.63 7.97 8.88
N GLN A 202 6.98 6.71 9.21
CA GLN A 202 7.29 6.36 10.58
CA GLN A 202 7.27 6.38 10.59
C GLN A 202 8.47 7.14 11.12
N TYR A 203 9.39 7.55 10.23
CA TYR A 203 10.62 8.22 10.65
C TYR A 203 10.37 9.58 11.29
N ILE A 204 9.18 10.14 11.11
CA ILE A 204 8.88 11.44 11.71
C ILE A 204 8.78 11.31 13.24
N ASN A 205 7.94 10.42 13.73
CA ASN A 205 7.86 10.25 15.17
C ASN A 205 9.08 9.54 15.74
N ASP A 206 9.74 8.69 14.95
CA ASP A 206 10.96 8.05 15.45
C ASP A 206 12.07 9.08 15.62
N LEU A 207 12.19 10.04 14.70
CA LEU A 207 13.15 11.12 14.92
C LEU A 207 12.77 11.95 16.14
N ALA A 208 11.49 12.28 16.26
CA ALA A 208 11.04 13.15 17.34
C ALA A 208 11.28 12.54 18.72
N ASN A 209 11.18 11.22 18.84
CA ASN A 209 11.32 10.54 20.11
C ASN A 209 12.75 10.09 20.40
N GLY A 210 13.68 10.26 19.46
CA GLY A 210 15.02 9.75 19.63
C GLY A 210 15.23 8.28 19.26
N ASP A 211 14.27 7.67 18.55
CA ASP A 211 14.37 6.24 18.25
C ASP A 211 15.23 5.96 17.02
N ILE A 212 15.27 6.86 16.05
CA ILE A 212 16.25 6.73 14.97
C ILE A 212 17.02 8.03 14.88
N CYS A 213 18.29 7.92 14.47
CA CYS A 213 19.22 9.05 14.50
CA CYS A 213 19.23 9.04 14.49
C CYS A 213 19.57 9.61 13.13
N VAL A 214 19.29 8.88 12.05
CA VAL A 214 19.51 9.38 10.69
C VAL A 214 18.43 8.80 9.79
N ALA A 215 17.89 9.65 8.93
CA ALA A 215 16.81 9.24 8.03
C ALA A 215 16.95 9.92 6.69
N ILE A 216 16.66 9.20 5.62
CA ILE A 216 16.28 9.85 4.38
C ILE A 216 14.87 10.39 4.58
N GLY A 217 14.69 11.69 4.45
CA GLY A 217 13.44 12.31 4.83
C GLY A 217 13.05 13.45 3.93
N TRP A 218 11.76 13.70 3.86
CA TRP A 218 11.27 14.89 3.18
C TRP A 218 11.39 16.07 4.14
N ALA A 219 11.78 17.23 3.60
CA ALA A 219 12.24 18.33 4.46
C ALA A 219 11.20 18.71 5.51
N GLY A 220 9.98 19.05 5.08
CA GLY A 220 8.97 19.45 6.03
C GLY A 220 8.66 18.36 7.05
N ASP A 221 8.74 17.09 6.63
CA ASP A 221 8.55 15.96 7.56
C ASP A 221 9.51 16.07 8.73
N VAL A 222 10.78 16.37 8.45
CA VAL A 222 11.83 16.39 9.46
C VAL A 222 11.66 17.60 10.38
N TRP A 223 11.30 18.76 9.81
CA TRP A 223 11.10 19.92 10.66
C TRP A 223 9.89 19.72 11.55
N GLN A 224 8.88 18.98 11.08
CA GLN A 224 7.79 18.56 11.94
C GLN A 224 8.30 17.68 13.08
N ALA A 225 9.17 16.73 12.76
CA ALA A 225 9.79 15.93 13.82
C ALA A 225 10.50 16.84 14.82
N SER A 226 11.29 17.79 14.32
CA SER A 226 11.99 18.71 15.22
C SER A 226 11.00 19.51 16.07
N ASN A 227 9.88 19.93 15.47
CA ASN A 227 8.93 20.71 16.24
C ASN A 227 8.20 19.87 17.29
N ARG A 228 7.85 18.63 16.95
CA ARG A 228 7.15 17.78 17.91
C ARG A 228 8.02 17.50 19.13
N ALA A 229 9.31 17.20 18.92
CA ALA A 229 10.22 16.99 20.04
C ALA A 229 10.30 18.21 20.95
N LYS A 230 10.37 19.40 20.33
CA LYS A 230 10.39 20.63 21.12
C LYS A 230 9.10 20.82 21.89
N GLU A 231 7.96 20.52 21.26
CA GLU A 231 6.67 20.62 21.96
C GLU A 231 6.58 19.61 23.10
N ALA A 232 7.15 18.43 22.92
CA ALA A 232 7.14 17.41 23.96
C ALA A 232 8.12 17.73 25.09
N LYS A 233 9.02 18.68 24.89
CA LYS A 233 10.01 19.05 25.90
C LYS A 233 10.86 17.84 26.29
N ASN A 234 11.18 17.01 25.30
CA ASN A 234 11.96 15.80 25.56
C ASN A 234 13.46 15.98 25.37
N GLY A 235 13.92 17.19 25.02
CA GLY A 235 15.34 17.42 24.86
C GLY A 235 15.95 16.76 23.65
N VAL A 236 15.15 16.23 22.74
CA VAL A 236 15.66 15.66 21.49
C VAL A 236 15.85 16.78 20.48
N ASN A 237 17.04 16.83 19.87
CA ASN A 237 17.48 17.89 18.96
C ASN A 237 17.52 17.32 17.54
N VAL A 238 16.52 17.64 16.72
CA VAL A 238 16.40 17.13 15.35
C VAL A 238 16.63 18.26 14.36
N SER A 239 17.45 18.01 13.34
CA SER A 239 17.67 18.97 12.27
C SER A 239 17.56 18.27 10.91
N PHE A 240 17.66 19.08 9.86
CA PHE A 240 17.54 18.64 8.48
C PHE A 240 18.67 19.24 7.66
N SER A 241 19.22 18.43 6.76
CA SER A 241 20.33 18.83 5.90
C SER A 241 19.94 18.64 4.45
N ILE A 242 20.12 19.69 3.66
CA ILE A 242 20.15 19.63 2.20
C ILE A 242 21.62 19.50 1.85
N PRO A 243 22.11 18.30 1.56
CA PRO A 243 23.55 18.07 1.51
C PRO A 243 24.22 18.82 0.36
N LYS A 244 25.53 19.05 0.53
CA LYS A 244 26.33 19.82 -0.42
C LYS A 244 26.48 19.15 -1.77
N GLU A 245 26.16 17.85 -1.86
CA GLU A 245 26.26 17.14 -3.13
C GLU A 245 25.01 17.32 -3.99
N GLY A 246 24.04 18.10 -3.54
CA GLY A 246 22.78 18.25 -4.24
C GLY A 246 21.70 17.39 -3.64
N ALA A 247 20.47 17.66 -4.03
CA ALA A 247 19.36 16.94 -3.42
C ALA A 247 18.19 16.95 -4.37
N MET A 248 17.31 15.99 -4.16
CA MET A 248 16.08 15.92 -4.93
C MET A 248 15.15 17.06 -4.52
N ALA A 249 14.63 17.81 -5.50
CA ALA A 249 13.56 18.77 -5.27
C ALA A 249 12.30 18.31 -6.00
N TRP A 250 11.14 18.63 -5.42
CA TRP A 250 9.88 18.14 -5.97
C TRP A 250 8.75 19.09 -5.64
N PHE A 251 7.65 18.92 -6.39
CA PHE A 251 6.45 19.74 -6.25
C PHE A 251 5.27 18.80 -6.16
N ASP A 252 4.47 18.92 -5.10
CA ASP A 252 3.21 18.22 -5.00
C ASP A 252 2.08 19.13 -5.44
N VAL A 253 1.15 18.57 -6.21
CA VAL A 253 0.10 19.33 -6.87
C VAL A 253 -1.24 18.70 -6.55
N PHE A 254 -2.26 19.54 -6.48
CA PHE A 254 -3.62 19.04 -6.43
C PHE A 254 -4.08 18.76 -7.85
N ALA A 255 -4.74 17.61 -8.05
CA ALA A 255 -5.30 17.27 -9.34
C ALA A 255 -6.68 16.67 -9.12
N MET A 256 -7.52 16.77 -10.15
CA MET A 256 -8.91 16.31 -10.09
C MET A 256 -9.08 15.06 -10.95
N PRO A 257 -9.34 13.90 -10.35
CA PRO A 257 -9.56 12.69 -11.14
C PRO A 257 -10.68 12.85 -12.16
N ALA A 258 -10.50 12.21 -13.32
CA ALA A 258 -11.43 12.37 -14.43
C ALA A 258 -12.82 11.87 -14.11
N ASP A 259 -12.98 10.95 -13.14
CA ASP A 259 -14.29 10.46 -12.74
C ASP A 259 -14.77 11.06 -11.43
N ALA A 260 -14.19 12.18 -11.01
CA ALA A 260 -14.56 12.80 -9.76
C ALA A 260 -16.05 13.10 -9.75
N LYS A 261 -16.70 12.74 -8.64
CA LYS A 261 -18.15 12.90 -8.54
C LYS A 261 -18.54 14.35 -8.34
N ASN A 262 -17.89 15.04 -7.41
CA ASN A 262 -18.29 16.36 -6.96
C ASN A 262 -17.24 17.37 -7.40
N LYS A 263 -17.27 17.70 -8.69
CA LYS A 263 -16.31 18.63 -9.27
C LYS A 263 -16.50 20.03 -8.71
N ASP A 264 -17.74 20.48 -8.59
CA ASP A 264 -18.01 21.83 -8.10
C ASP A 264 -17.45 22.02 -6.70
N GLU A 265 -17.72 21.09 -5.79
CA GLU A 265 -17.13 21.16 -4.45
C GLU A 265 -15.61 21.07 -4.50
N ALA A 266 -15.06 20.28 -5.42
CA ALA A 266 -13.61 20.21 -5.54
C ALA A 266 -13.04 21.56 -5.94
N TYR A 267 -13.69 22.25 -6.88
CA TYR A 267 -13.20 23.58 -7.25
C TYR A 267 -13.25 24.51 -6.06
N GLN A 268 -14.28 24.39 -5.21
CA GLN A 268 -14.36 25.21 -4.01
C GLN A 268 -13.18 24.98 -3.08
N PHE A 269 -12.74 23.74 -2.95
CA PHE A 269 -11.60 23.49 -2.07
C PHE A 269 -10.31 24.03 -2.69
N LEU A 270 -10.17 23.92 -4.01
CA LEU A 270 -8.99 24.47 -4.68
C LEU A 270 -8.93 25.98 -4.50
N ASN A 271 -10.07 26.65 -4.68
CA ASN A 271 -10.10 28.08 -4.46
C ASN A 271 -9.81 28.43 -3.00
N TYR A 272 -10.29 27.59 -2.08
CA TYR A 272 -9.93 27.75 -0.67
C TYR A 272 -8.43 27.65 -0.48
N LEU A 273 -7.78 26.65 -1.09
CA LEU A 273 -6.33 26.54 -0.96
C LEU A 273 -5.59 27.72 -1.58
N LEU A 274 -6.18 28.34 -2.62
CA LEU A 274 -5.53 29.48 -3.26
C LEU A 274 -5.59 30.73 -2.40
N ARG A 275 -6.41 30.74 -1.36
CA ARG A 275 -6.48 31.90 -0.51
C ARG A 275 -5.18 32.04 0.27
N PRO A 276 -4.56 33.23 0.26
CA PRO A 276 -3.23 33.35 0.85
C PRO A 276 -3.17 32.99 2.32
N ASP A 277 -4.17 33.42 3.12
CA ASP A 277 -4.12 33.14 4.55
C ASP A 277 -4.28 31.66 4.83
N VAL A 278 -5.12 30.98 4.03
CA VAL A 278 -5.40 29.57 4.24
C VAL A 278 -4.15 28.73 4.04
N VAL A 279 -3.43 28.95 2.94
CA VAL A 279 -2.27 28.11 2.62
C VAL A 279 -1.04 28.51 3.42
N ALA A 280 -0.96 29.76 3.85
CA ALA A 280 0.12 30.13 4.76
C ALA A 280 -0.05 29.44 6.11
N HIS A 281 -1.29 29.42 6.63
CA HIS A 281 -1.60 28.66 7.84
C HIS A 281 -1.10 27.22 7.73
N ILE A 282 -1.22 26.62 6.54
CA ILE A 282 -0.77 25.25 6.37
C ILE A 282 0.75 25.18 6.48
N SER A 283 1.46 26.05 5.76
CA SER A 283 2.93 26.06 5.83
C SER A 283 3.43 26.26 7.25
N ASP A 284 2.71 27.06 8.04
CA ASP A 284 3.13 27.28 9.43
C ASP A 284 3.10 25.99 10.23
N HIS A 285 2.19 25.08 9.90
CA HIS A 285 2.00 23.85 10.66
C HIS A 285 2.74 22.65 10.11
N VAL A 286 2.91 22.56 8.78
CA VAL A 286 3.60 21.41 8.21
C VAL A 286 5.04 21.73 7.83
N PHE A 287 5.48 22.99 7.99
CA PHE A 287 6.88 23.36 7.77
C PHE A 287 7.28 23.05 6.33
N TYR A 288 6.37 23.31 5.41
CA TYR A 288 6.58 23.14 3.98
C TYR A 288 6.36 24.46 3.27
N ALA A 289 7.13 24.67 2.22
CA ALA A 289 6.94 25.84 1.37
C ALA A 289 5.72 25.64 0.49
N ASN A 290 4.80 26.59 0.49
CA ASN A 290 3.69 26.52 -0.45
C ASN A 290 4.08 27.20 -1.75
N ALA A 291 3.31 26.92 -2.81
CA ALA A 291 3.55 27.48 -4.13
C ALA A 291 2.78 28.77 -4.38
N ASN A 292 2.36 29.45 -3.32
CA ASN A 292 1.49 30.62 -3.45
C ASN A 292 2.35 31.87 -3.24
N LYS A 293 2.59 32.60 -4.33
CA LYS A 293 3.42 33.80 -4.24
C LYS A 293 2.77 34.86 -3.36
N ALA A 294 1.44 34.93 -3.37
CA ALA A 294 0.76 35.92 -2.56
C ALA A 294 0.78 35.58 -1.08
N ALA A 295 0.96 34.30 -0.73
CA ALA A 295 0.87 33.87 0.65
C ALA A 295 2.18 33.99 1.42
N THR A 296 3.31 34.06 0.72
CA THR A 296 4.62 34.03 1.36
C THR A 296 4.77 34.99 2.54
N PRO A 297 4.43 36.28 2.44
CA PRO A 297 4.61 37.16 3.61
C PRO A 297 3.76 36.75 4.79
N LEU A 298 2.69 35.99 4.57
CA LEU A 298 1.85 35.58 5.69
C LEU A 298 2.41 34.35 6.41
N VAL A 299 3.32 33.62 5.78
CA VAL A 299 3.95 32.46 6.43
C VAL A 299 4.82 32.95 7.59
N SER A 300 4.82 32.17 8.68
CA SER A 300 5.60 32.52 9.87
C SER A 300 7.07 32.73 9.53
N ALA A 301 7.70 33.64 10.27
CA ALA A 301 9.12 33.91 10.08
C ALA A 301 9.92 32.64 10.35
N GLU A 302 9.49 31.87 11.35
CA GLU A 302 10.13 30.61 11.69
C GLU A 302 10.24 29.70 10.47
N VAL A 303 9.19 29.64 9.66
CA VAL A 303 9.16 28.77 8.49
C VAL A 303 9.81 29.43 7.28
N ARG A 304 9.46 30.70 7.05
CA ARG A 304 9.94 31.43 5.87
C ARG A 304 11.44 31.66 5.94
N GLU A 305 11.97 31.95 7.13
CA GLU A 305 13.38 32.24 7.28
C GLU A 305 14.22 30.99 7.49
N ASN A 306 13.62 29.79 7.44
CA ASN A 306 14.32 28.51 7.56
C ASN A 306 14.90 28.15 6.19
N PRO A 307 16.23 28.15 6.04
CA PRO A 307 16.83 27.84 4.74
C PRO A 307 16.68 26.38 4.34
N GLY A 308 16.23 25.51 5.23
CA GLY A 308 15.85 24.15 4.90
C GLY A 308 14.43 23.97 4.43
N ILE A 309 13.66 25.05 4.37
CA ILE A 309 12.28 25.04 3.89
C ILE A 309 12.11 25.92 2.67
N TYR A 310 12.55 27.18 2.76
CA TYR A 310 12.63 28.15 1.67
C TYR A 310 14.10 28.35 1.36
N PRO A 311 14.75 27.39 0.68
CA PRO A 311 16.20 27.43 0.58
C PRO A 311 16.67 28.58 -0.29
N PRO A 312 17.83 29.20 0.05
CA PRO A 312 18.34 30.31 -0.76
C PRO A 312 18.88 29.86 -2.10
N ALA A 313 19.29 30.84 -2.92
CA ALA A 313 19.63 30.56 -4.31
C ALA A 313 20.84 29.65 -4.46
N ASP A 314 21.81 29.75 -3.55
CA ASP A 314 22.97 28.86 -3.64
C ASP A 314 22.57 27.42 -3.44
N VAL A 315 21.61 27.17 -2.54
CA VAL A 315 21.11 25.83 -2.30
C VAL A 315 20.21 25.38 -3.44
N ARG A 316 19.46 26.29 -4.05
CA ARG A 316 18.59 25.89 -5.15
C ARG A 316 19.39 25.44 -6.37
N ALA A 317 20.56 26.03 -6.58
CA ALA A 317 21.37 25.70 -7.76
C ALA A 317 21.86 24.25 -7.73
N LYS A 318 21.87 23.61 -6.56
CA LYS A 318 22.34 22.23 -6.39
C LYS A 318 21.24 21.19 -6.54
N LEU A 319 19.99 21.61 -6.73
CA LEU A 319 18.86 20.70 -6.72
C LEU A 319 18.61 20.14 -8.11
N PHE A 320 18.12 18.91 -8.15
CA PHE A 320 17.68 18.27 -9.39
C PHE A 320 16.27 17.75 -9.17
N THR A 321 15.58 17.42 -10.26
CA THR A 321 14.20 16.93 -10.22
C THR A 321 14.10 15.58 -10.91
N GLN A 322 13.00 14.88 -10.62
CA GLN A 322 12.83 13.48 -11.00
C GLN A 322 12.34 13.35 -12.44
N LYS A 323 13.03 12.51 -13.21
CA LYS A 323 12.63 12.20 -14.57
C LYS A 323 11.73 10.99 -14.57
N VAL A 324 10.76 11.00 -15.49
CA VAL A 324 9.93 9.82 -15.73
C VAL A 324 10.75 8.86 -16.60
N GLN A 325 11.10 7.71 -16.03
CA GLN A 325 11.95 6.74 -16.72
C GLN A 325 11.12 5.80 -17.59
N ASP A 326 11.64 5.49 -18.78
CA ASP A 326 10.99 4.58 -19.72
C ASP A 326 10.85 3.18 -19.10
N PRO A 327 9.98 2.34 -19.68
CA PRO A 327 9.75 1.01 -19.09
C PRO A 327 11.01 0.15 -18.93
N LYS A 328 12.06 0.38 -19.72
CA LYS A 328 13.27 -0.42 -19.56
C LYS A 328 13.97 -0.07 -18.26
N ILE A 329 14.20 1.22 -18.03
CA ILE A 329 14.84 1.65 -16.78
C ILE A 329 13.92 1.42 -15.60
N ASP A 330 12.61 1.60 -15.78
CA ASP A 330 11.69 1.35 -14.69
C ASP A 330 11.80 -0.09 -14.20
N ARG A 331 11.90 -1.03 -15.13
CA ARG A 331 12.03 -2.45 -14.81
CA ARG A 331 12.02 -2.45 -14.78
C ARG A 331 13.32 -2.72 -14.04
N VAL A 332 14.45 -2.28 -14.62
CA VAL A 332 15.75 -2.47 -13.97
C VAL A 332 15.73 -1.89 -12.57
N ARG A 333 15.29 -0.65 -12.43
CA ARG A 333 15.33 0.01 -11.15
C ARG A 333 14.44 -0.69 -10.14
N THR A 334 13.22 -1.03 -10.55
CA THR A 334 12.28 -1.69 -9.64
C THR A 334 12.81 -3.04 -9.19
N ARG A 335 13.40 -3.81 -10.11
CA ARG A 335 13.99 -5.10 -9.73
C ARG A 335 15.08 -4.92 -8.69
N ALA A 336 16.06 -4.05 -8.97
CA ALA A 336 17.17 -3.86 -8.03
C ALA A 336 16.66 -3.40 -6.68
N TRP A 337 15.62 -2.55 -6.68
CA TRP A 337 15.00 -2.08 -5.44
C TRP A 337 14.47 -3.23 -4.61
N THR A 338 13.74 -4.18 -5.22
CA THR A 338 13.24 -5.33 -4.48
C THR A 338 14.38 -6.20 -3.96
N LYS A 339 15.41 -6.42 -4.78
CA LYS A 339 16.58 -7.14 -4.29
C LYS A 339 17.16 -6.43 -3.07
N VAL A 340 17.22 -5.09 -3.11
CA VAL A 340 17.85 -4.34 -2.03
C VAL A 340 17.02 -4.42 -0.75
N LYS A 341 15.69 -4.35 -0.88
CA LYS A 341 14.84 -4.38 0.31
C LYS A 341 14.94 -5.71 1.04
N SER A 342 15.25 -6.78 0.34
CA SER A 342 15.32 -8.13 0.90
CA SER A 342 15.31 -8.10 0.95
C SER A 342 16.73 -8.53 1.31
N GLY A 343 17.71 -7.64 1.15
CA GLY A 343 19.09 -7.91 1.53
C GLY A 343 19.73 -9.10 0.83
N GLN B 3 24.47 -16.88 -13.11
CA GLN B 3 23.53 -16.99 -11.99
C GLN B 3 22.31 -16.09 -12.23
N LYS B 4 21.13 -16.70 -12.35
CA LYS B 4 19.89 -15.96 -12.57
C LYS B 4 19.06 -15.88 -11.28
N THR B 5 18.19 -14.86 -11.21
CA THR B 5 17.41 -14.58 -10.02
C THR B 5 15.94 -14.44 -10.33
N LEU B 6 15.11 -15.16 -9.59
CA LEU B 6 13.66 -15.16 -9.76
C LEU B 6 13.02 -14.29 -8.69
N HIS B 7 12.21 -13.30 -9.12
CA HIS B 7 11.45 -12.45 -8.21
C HIS B 7 10.01 -12.96 -8.13
N ILE B 8 9.54 -13.17 -6.91
CA ILE B 8 8.22 -13.72 -6.66
C ILE B 8 7.51 -12.80 -5.69
N TYR B 9 6.30 -12.39 -6.05
CA TYR B 9 5.48 -11.49 -5.24
C TYR B 9 4.22 -12.24 -4.86
N ASN B 10 4.10 -12.64 -3.60
CA ASN B 10 3.03 -13.54 -3.17
C ASN B 10 2.33 -12.93 -1.95
N TRP B 11 1.15 -13.45 -1.62
CA TRP B 11 0.50 -13.07 -0.36
C TRP B 11 1.37 -13.47 0.83
N THR B 12 1.17 -12.75 1.93
CA THR B 12 1.77 -13.17 3.18
C THR B 12 1.22 -14.53 3.60
N ASP B 13 1.99 -15.25 4.41
CA ASP B 13 1.52 -16.49 5.04
C ASP B 13 0.89 -17.43 4.00
N TYR B 14 1.60 -17.65 2.90
CA TYR B 14 1.01 -18.36 1.77
C TYR B 14 1.97 -19.34 1.14
N ILE B 15 2.89 -19.91 1.91
CA ILE B 15 3.88 -20.84 1.38
C ILE B 15 4.47 -21.56 2.57
N ALA B 16 5.10 -22.71 2.32
CA ALA B 16 5.72 -23.34 3.47
C ALA B 16 7.08 -22.70 3.77
N PRO B 17 7.50 -22.71 5.04
CA PRO B 17 8.74 -22.00 5.39
C PRO B 17 9.98 -22.51 4.68
N ASP B 18 9.93 -23.70 4.09
CA ASP B 18 11.09 -24.25 3.41
C ASP B 18 10.85 -24.47 1.92
N THR B 19 9.66 -24.15 1.42
CA THR B 19 9.33 -24.34 0.01
C THR B 19 10.36 -23.69 -0.90
N VAL B 20 10.69 -22.42 -0.63
CA VAL B 20 11.65 -21.72 -1.48
C VAL B 20 13.05 -22.32 -1.30
N ALA B 21 13.41 -22.68 -0.06
CA ALA B 21 14.73 -23.23 0.20
C ALA B 21 14.94 -24.53 -0.55
N ASN B 22 13.91 -25.39 -0.58
CA ASN B 22 14.03 -26.63 -1.33
C ASN B 22 14.14 -26.36 -2.82
N PHE B 23 13.51 -25.28 -3.30
CA PHE B 23 13.60 -24.92 -4.70
C PHE B 23 14.98 -24.40 -5.05
N GLU B 24 15.54 -23.52 -4.24
CA GLU B 24 16.89 -23.01 -4.48
C GLU B 24 17.91 -24.15 -4.42
N LYS B 25 17.77 -25.04 -3.43
CA LYS B 25 18.70 -26.15 -3.28
C LYS B 25 18.67 -27.04 -4.51
N GLU B 26 17.48 -27.29 -5.05
CA GLU B 26 17.36 -28.23 -6.14
C GLU B 26 17.87 -27.65 -7.45
N THR B 27 17.52 -26.39 -7.74
CA THR B 27 17.74 -25.80 -9.05
C THR B 27 18.94 -24.86 -9.13
N GLY B 28 19.44 -24.37 -8.00
CA GLY B 28 20.49 -23.39 -8.01
C GLY B 28 20.05 -21.97 -8.33
N ILE B 29 18.76 -21.73 -8.50
CA ILE B 29 18.23 -20.40 -8.77
C ILE B 29 18.10 -19.66 -7.45
N LYS B 30 18.62 -18.43 -7.39
CA LYS B 30 18.39 -17.58 -6.24
C LYS B 30 17.01 -16.94 -6.37
N VAL B 31 16.25 -16.95 -5.29
CA VAL B 31 14.88 -16.46 -5.28
C VAL B 31 14.81 -15.25 -4.36
N VAL B 32 14.23 -14.15 -4.85
CA VAL B 32 13.85 -13.02 -4.02
C VAL B 32 12.32 -13.06 -3.84
N TYR B 33 11.87 -13.17 -2.60
CA TYR B 33 10.47 -13.46 -2.30
C TYR B 33 9.89 -12.28 -1.54
N ASP B 34 8.91 -11.59 -2.14
CA ASP B 34 8.25 -10.50 -1.44
C ASP B 34 6.77 -10.83 -1.22
N VAL B 35 6.15 -10.10 -0.28
CA VAL B 35 4.80 -10.43 0.14
C VAL B 35 3.93 -9.18 0.23
N PHE B 36 2.62 -9.38 0.04
CA PHE B 36 1.59 -8.36 0.15
C PHE B 36 0.38 -8.99 0.84
N ASP B 37 -0.58 -8.16 1.25
CA ASP B 37 -1.78 -8.69 1.90
C ASP B 37 -3.05 -8.09 1.31
N SER B 38 -3.02 -7.62 0.07
CA SER B 38 -4.21 -7.05 -0.54
CA SER B 38 -4.22 -7.07 -0.55
C SER B 38 -4.06 -7.06 -2.05
N ASN B 39 -5.12 -7.47 -2.73
CA ASN B 39 -5.15 -7.43 -4.19
C ASN B 39 -4.92 -6.03 -4.70
N GLU B 40 -5.46 -5.05 -3.98
CA GLU B 40 -5.38 -3.68 -4.46
C GLU B 40 -3.93 -3.21 -4.50
N VAL B 41 -3.10 -3.62 -3.54
CA VAL B 41 -1.67 -3.27 -3.62
C VAL B 41 -1.03 -3.88 -4.87
N LEU B 42 -1.28 -5.16 -5.11
CA LEU B 42 -0.66 -5.80 -6.27
C LEU B 42 -1.22 -5.24 -7.57
N GLU B 43 -2.54 -5.08 -7.65
CA GLU B 43 -3.13 -4.54 -8.86
C GLU B 43 -2.59 -3.15 -9.15
N GLY B 44 -2.42 -2.33 -8.11
CA GLY B 44 -1.88 -1.00 -8.31
C GLY B 44 -0.51 -1.01 -8.96
N LYS B 45 0.39 -1.87 -8.45
CA LYS B 45 1.73 -1.91 -9.03
C LYS B 45 1.72 -2.42 -10.46
N LEU B 46 0.86 -3.42 -10.75
CA LEU B 46 0.79 -3.98 -12.11
C LEU B 46 0.27 -2.96 -13.11
N MET B 47 -0.57 -2.02 -12.67
CA MET B 47 -1.11 -1.01 -13.57
C MET B 47 -0.19 0.19 -13.70
N ALA B 48 0.59 0.47 -12.67
CA ALA B 48 1.37 1.71 -12.61
C ALA B 48 2.66 1.63 -13.41
N GLY B 49 3.24 0.44 -13.55
CA GLY B 49 4.48 0.33 -14.28
C GLY B 49 4.99 -1.10 -14.26
N SER B 50 6.29 -1.27 -14.40
CA SER B 50 6.90 -2.58 -14.19
C SER B 50 6.92 -2.93 -12.71
N THR B 51 6.52 -4.16 -12.38
CA THR B 51 6.64 -4.60 -11.01
C THR B 51 8.02 -5.15 -10.68
N GLY B 52 8.81 -5.48 -11.69
CA GLY B 52 10.05 -6.18 -11.46
C GLY B 52 9.90 -7.62 -11.07
N PHE B 53 8.68 -8.12 -10.89
CA PHE B 53 8.48 -9.51 -10.49
C PHE B 53 8.28 -10.40 -11.72
N ASP B 54 8.80 -11.62 -11.63
CA ASP B 54 8.60 -12.59 -12.68
C ASP B 54 7.34 -13.40 -12.47
N LEU B 55 6.91 -13.56 -11.21
CA LEU B 55 5.66 -14.19 -10.84
C LEU B 55 4.96 -13.36 -9.78
N VAL B 56 3.64 -13.22 -9.93
CA VAL B 56 2.77 -12.56 -8.94
C VAL B 56 1.55 -13.45 -8.73
N VAL B 57 0.84 -13.22 -7.63
CA VAL B 57 -0.25 -14.12 -7.26
C VAL B 57 -1.54 -13.34 -6.99
N PRO B 58 -2.26 -12.89 -8.01
CA PRO B 58 -3.55 -12.24 -7.77
C PRO B 58 -4.68 -13.26 -7.61
N SER B 59 -5.79 -12.80 -7.04
CA SER B 59 -6.98 -13.62 -7.06
C SER B 59 -7.53 -13.69 -8.48
N ALA B 60 -8.32 -14.74 -8.75
CA ALA B 60 -8.79 -14.96 -10.12
C ALA B 60 -9.62 -13.78 -10.61
N TYR B 61 -10.52 -13.28 -9.76
CA TYR B 61 -11.39 -12.19 -10.20
C TYR B 61 -10.58 -10.93 -10.48
N ALA B 62 -9.51 -10.72 -9.73
CA ALA B 62 -8.63 -9.58 -9.99
C ALA B 62 -7.79 -9.82 -11.24
N LEU B 63 -7.35 -11.07 -11.44
CA LEU B 63 -6.69 -11.44 -12.68
C LEU B 63 -7.58 -11.09 -13.87
N GLU B 64 -8.91 -11.25 -13.70
CA GLU B 64 -9.81 -11.02 -14.82
C GLU B 64 -9.74 -9.58 -15.33
N ARG B 65 -9.80 -8.60 -14.43
CA ARG B 65 -9.67 -7.21 -14.88
C ARG B 65 -8.24 -6.90 -15.32
N GLN B 66 -7.24 -7.44 -14.62
CA GLN B 66 -5.85 -7.12 -14.95
C GLN B 66 -5.44 -7.66 -16.33
N LEU B 67 -6.01 -8.78 -16.76
CA LEU B 67 -5.68 -9.31 -18.09
C LEU B 67 -6.05 -8.33 -19.19
N THR B 68 -7.20 -7.67 -19.04
CA THR B 68 -7.73 -6.74 -20.04
C THR B 68 -6.89 -5.47 -20.16
N ALA B 69 -5.98 -5.23 -19.23
CA ALA B 69 -5.01 -4.15 -19.36
C ALA B 69 -3.69 -4.66 -19.94
N GLY B 70 -3.59 -5.97 -20.20
CA GLY B 70 -2.41 -6.52 -20.85
C GLY B 70 -1.18 -6.63 -19.99
N VAL B 71 -1.35 -6.78 -18.67
CA VAL B 71 -0.17 -6.81 -17.80
C VAL B 71 0.47 -8.19 -17.69
N PHE B 72 -0.14 -9.23 -18.25
CA PHE B 72 0.38 -10.58 -18.12
C PHE B 72 0.69 -11.18 -19.49
N GLN B 73 1.57 -12.18 -19.49
CA GLN B 73 1.83 -12.89 -20.73
C GLN B 73 1.37 -14.35 -20.59
N PRO B 74 1.02 -15.00 -21.71
CA PRO B 74 0.53 -16.37 -21.63
C PRO B 74 1.61 -17.32 -21.16
N LEU B 75 1.18 -18.34 -20.42
CA LEU B 75 2.09 -19.36 -19.92
C LEU B 75 2.43 -20.35 -21.02
N ASP B 76 3.71 -20.59 -21.25
CA ASP B 76 4.13 -21.65 -22.17
C ASP B 76 3.93 -23.00 -21.50
N LYS B 77 2.84 -23.69 -21.87
CA LYS B 77 2.49 -24.95 -21.22
C LYS B 77 3.54 -26.02 -21.46
N SER B 78 4.29 -25.94 -22.57
CA SER B 78 5.31 -26.94 -22.85
C SER B 78 6.41 -26.92 -21.80
N LYS B 79 6.59 -25.81 -21.10
CA LYS B 79 7.53 -25.72 -20.00
C LYS B 79 6.89 -26.09 -18.67
N LEU B 80 5.64 -26.53 -18.68
CA LEU B 80 4.91 -26.92 -17.46
C LEU B 80 4.36 -28.33 -17.63
N PRO B 81 5.24 -29.33 -17.69
CA PRO B 81 4.76 -30.70 -17.94
C PRO B 81 3.88 -31.25 -16.83
N GLU B 82 4.03 -30.73 -15.60
CA GLU B 82 3.20 -31.12 -14.48
C GLU B 82 1.85 -30.42 -14.46
N TRP B 83 1.47 -29.71 -15.53
CA TRP B 83 0.19 -29.03 -15.55
C TRP B 83 -0.97 -30.01 -15.46
N LYS B 84 -0.75 -31.25 -15.86
CA LYS B 84 -1.79 -32.27 -15.81
C LYS B 84 -2.24 -32.59 -14.38
N ASN B 85 -1.46 -32.19 -13.38
CA ASN B 85 -1.81 -32.45 -11.99
C ASN B 85 -2.90 -31.52 -11.46
N LEU B 86 -3.24 -30.46 -12.19
CA LEU B 86 -4.25 -29.53 -11.75
C LEU B 86 -5.64 -30.10 -11.95
N ASP B 87 -6.54 -29.77 -11.03
CA ASP B 87 -7.91 -30.23 -11.09
C ASP B 87 -8.60 -29.64 -12.31
N PRO B 88 -9.09 -30.45 -13.26
CA PRO B 88 -9.74 -29.88 -14.44
C PRO B 88 -11.03 -29.13 -14.13
N GLU B 89 -11.81 -29.56 -13.12
CA GLU B 89 -12.98 -28.80 -12.72
C GLU B 89 -12.61 -27.45 -12.13
N LEU B 90 -11.48 -27.37 -11.42
CA LEU B 90 -11.04 -26.08 -10.91
C LEU B 90 -10.50 -25.20 -12.03
N LEU B 91 -9.88 -25.79 -13.04
CA LEU B 91 -9.43 -25.02 -14.19
C LEU B 91 -10.62 -24.42 -14.93
N LYS B 92 -11.71 -25.17 -15.08
CA LYS B 92 -12.86 -24.64 -15.80
C LYS B 92 -13.48 -23.46 -15.07
N LEU B 93 -13.46 -23.48 -13.73
CA LEU B 93 -13.93 -22.32 -12.98
C LEU B 93 -12.99 -21.13 -13.16
N VAL B 94 -11.68 -21.37 -13.12
CA VAL B 94 -10.72 -20.30 -13.35
C VAL B 94 -10.77 -19.82 -14.80
N ALA B 95 -11.15 -20.70 -15.73
CA ALA B 95 -11.22 -20.32 -17.13
C ALA B 95 -12.31 -19.29 -17.38
N LYS B 96 -13.30 -19.17 -16.49
CA LYS B 96 -14.30 -18.11 -16.62
C LYS B 96 -13.65 -16.74 -16.48
N HIS B 97 -12.55 -16.66 -15.74
CA HIS B 97 -11.81 -15.42 -15.62
C HIS B 97 -10.67 -15.35 -16.62
N ASP B 98 -10.13 -16.50 -17.01
CA ASP B 98 -8.95 -16.60 -17.86
C ASP B 98 -9.25 -17.62 -18.94
N PRO B 99 -9.87 -17.22 -20.04
CA PRO B 99 -10.28 -18.19 -21.07
C PRO B 99 -9.14 -19.10 -21.51
N ASP B 100 -9.46 -20.38 -21.70
CA ASP B 100 -8.53 -21.44 -22.07
C ASP B 100 -7.40 -21.62 -21.07
N ASN B 101 -7.50 -20.98 -19.90
CA ASN B 101 -6.45 -21.03 -18.89
C ASN B 101 -5.09 -20.64 -19.48
N LYS B 102 -5.09 -19.55 -20.25
CA LYS B 102 -3.85 -19.20 -20.95
C LYS B 102 -2.86 -18.45 -20.08
N PHE B 103 -3.29 -17.87 -18.97
CA PHE B 103 -2.45 -16.95 -18.22
C PHE B 103 -2.23 -17.30 -16.75
N ALA B 104 -3.09 -18.11 -16.15
CA ALA B 104 -3.13 -18.23 -14.70
C ALA B 104 -2.97 -19.69 -14.29
N MET B 105 -2.02 -19.95 -13.37
CA MET B 105 -1.93 -21.26 -12.76
C MET B 105 -2.69 -21.26 -11.44
N PRO B 106 -3.80 -21.99 -11.33
CA PRO B 106 -4.50 -22.11 -10.05
C PRO B 106 -3.56 -22.57 -8.95
N TYR B 107 -3.60 -21.86 -7.83
CA TYR B 107 -2.70 -22.09 -6.71
C TYR B 107 -3.47 -22.65 -5.51
N MET B 108 -4.29 -21.83 -4.85
CA MET B 108 -5.07 -22.23 -3.69
C MET B 108 -6.48 -21.66 -3.83
N TRP B 109 -7.42 -22.20 -3.05
CA TRP B 109 -8.77 -21.65 -3.00
C TRP B 109 -9.33 -21.81 -1.59
N ALA B 110 -10.17 -20.87 -1.18
CA ALA B 110 -10.75 -20.92 0.15
C ALA B 110 -11.95 -19.98 0.20
N THR B 111 -12.37 -19.64 1.40
CA THR B 111 -13.53 -18.80 1.64
C THR B 111 -13.14 -17.63 2.53
N THR B 112 -14.06 -16.65 2.63
CA THR B 112 -13.89 -15.49 3.51
C THR B 112 -15.00 -15.54 4.55
N GLY B 113 -14.61 -15.81 5.80
CA GLY B 113 -15.59 -15.97 6.86
C GLY B 113 -15.22 -15.28 8.15
N ILE B 114 -15.55 -15.91 9.26
CA ILE B 114 -15.31 -15.35 10.59
C ILE B 114 -14.33 -16.25 11.32
N GLY B 115 -13.20 -15.68 11.74
CA GLY B 115 -12.32 -16.31 12.70
C GLY B 115 -12.60 -15.77 14.09
N TYR B 116 -12.51 -16.62 15.10
CA TYR B 116 -12.92 -16.17 16.41
C TYR B 116 -12.24 -16.95 17.52
N ASN B 117 -12.12 -16.29 18.66
CA ASN B 117 -11.63 -16.92 19.88
C ASN B 117 -12.80 -17.63 20.55
N VAL B 118 -12.78 -18.97 20.50
CA VAL B 118 -13.96 -19.76 20.89
C VAL B 118 -14.33 -19.50 22.35
N ASP B 119 -13.34 -19.53 23.24
CA ASP B 119 -13.65 -19.44 24.66
C ASP B 119 -14.05 -18.02 25.04
N LYS B 120 -13.42 -17.01 24.45
CA LYS B 120 -13.79 -15.65 24.81
C LYS B 120 -15.18 -15.32 24.28
N VAL B 121 -15.49 -15.75 23.05
CA VAL B 121 -16.81 -15.51 22.47
C VAL B 121 -17.90 -16.12 23.34
N LYS B 122 -17.74 -17.38 23.75
CA LYS B 122 -18.77 -17.98 24.58
C LYS B 122 -18.81 -17.34 25.97
N ALA B 123 -17.71 -16.76 26.43
CA ALA B 123 -17.72 -16.12 27.74
C ALA B 123 -18.47 -14.79 27.69
N VAL B 124 -18.36 -14.06 26.59
CA VAL B 124 -19.00 -12.76 26.45
C VAL B 124 -20.45 -12.91 26.01
N LEU B 125 -20.69 -13.73 24.99
CA LEU B 125 -22.02 -13.84 24.39
C LEU B 125 -22.79 -15.07 24.84
N GLY B 126 -22.25 -15.87 25.75
CA GLY B 126 -22.94 -17.05 26.21
C GLY B 126 -22.76 -18.24 25.28
N GLU B 127 -23.18 -19.40 25.78
CA GLU B 127 -22.96 -20.65 25.07
C GLU B 127 -23.73 -20.77 23.77
N ASN B 128 -24.78 -19.98 23.59
CA ASN B 128 -25.57 -19.98 22.36
C ASN B 128 -25.18 -18.87 21.39
N ALA B 129 -23.92 -18.45 21.42
CA ALA B 129 -23.49 -17.38 20.52
C ALA B 129 -23.63 -17.82 19.07
N PRO B 130 -24.01 -16.93 18.16
CA PRO B 130 -24.24 -17.31 16.75
C PRO B 130 -22.94 -17.44 15.94
N VAL B 131 -22.07 -18.34 16.40
CA VAL B 131 -20.80 -18.54 15.70
C VAL B 131 -20.98 -19.15 14.32
N ASP B 132 -22.16 -19.66 14.01
CA ASP B 132 -22.50 -20.22 12.72
C ASP B 132 -23.11 -19.19 11.77
N SER B 133 -23.18 -17.93 12.18
CA SER B 133 -23.93 -16.91 11.46
C SER B 133 -23.12 -15.64 11.42
N TRP B 134 -23.26 -14.89 10.33
CA TRP B 134 -22.68 -13.55 10.28
C TRP B 134 -23.21 -12.65 11.39
N ASP B 135 -24.26 -13.08 12.10
CA ASP B 135 -24.76 -12.28 13.22
C ASP B 135 -23.71 -12.07 14.30
N LEU B 136 -22.73 -12.97 14.40
CA LEU B 136 -21.70 -12.82 15.42
C LEU B 136 -20.98 -11.49 15.27
N ILE B 137 -20.79 -11.02 14.03
CA ILE B 137 -19.89 -9.89 13.80
C ILE B 137 -20.55 -8.76 13.00
N LEU B 138 -21.71 -9.02 12.39
CA LEU B 138 -22.40 -8.00 11.60
C LEU B 138 -23.65 -7.46 12.28
N LYS B 139 -24.03 -8.02 13.43
CA LYS B 139 -25.15 -7.50 14.18
C LYS B 139 -24.66 -6.47 15.19
N PRO B 140 -25.16 -5.23 15.16
CA PRO B 140 -24.61 -4.20 16.08
C PRO B 140 -24.67 -4.59 17.55
N GLU B 141 -25.73 -5.25 17.99
CA GLU B 141 -25.84 -5.65 19.38
C GLU B 141 -24.70 -6.58 19.79
N ASN B 142 -24.24 -7.43 18.90
CA ASN B 142 -23.16 -8.34 19.28
C ASN B 142 -21.80 -7.65 19.30
N LEU B 143 -21.53 -6.81 18.30
CA LEU B 143 -20.24 -6.14 18.24
C LEU B 143 -20.04 -5.20 19.42
N GLU B 144 -21.13 -4.58 19.91
CA GLU B 144 -21.03 -3.74 21.11
C GLU B 144 -20.55 -4.57 22.30
N LYS B 145 -21.02 -5.81 22.40
CA LYS B 145 -20.57 -6.68 23.49
C LYS B 145 -19.15 -7.17 23.26
N LEU B 146 -18.73 -7.35 22.02
CA LEU B 146 -17.42 -7.89 21.68
C LEU B 146 -16.35 -6.81 21.50
N LYS B 147 -16.70 -5.54 21.70
CA LYS B 147 -15.78 -4.46 21.41
C LYS B 147 -14.50 -4.55 22.24
N SER B 148 -14.62 -4.88 23.53
CA SER B 148 -13.44 -4.84 24.40
C SER B 148 -12.49 -6.02 24.15
N CYS B 149 -13.00 -7.18 23.71
CA CYS B 149 -12.02 -8.21 23.42
CA CYS B 149 -12.15 -8.32 23.34
C CYS B 149 -11.43 -8.10 22.03
N GLY B 150 -11.95 -7.23 21.17
CA GLY B 150 -11.31 -7.02 19.90
C GLY B 150 -12.03 -7.57 18.69
N VAL B 151 -12.38 -6.67 17.77
CA VAL B 151 -13.06 -6.99 16.52
C VAL B 151 -12.20 -6.43 15.38
N SER B 152 -11.93 -7.24 14.35
CA SER B 152 -11.16 -6.74 13.21
C SER B 152 -11.90 -7.08 11.91
N PHE B 153 -11.86 -6.17 10.95
CA PHE B 153 -12.39 -6.43 9.61
C PHE B 153 -11.25 -6.44 8.63
N LEU B 154 -11.42 -7.21 7.55
CA LEU B 154 -10.48 -7.13 6.44
C LEU B 154 -10.38 -5.70 5.92
N ASP B 155 -9.17 -5.31 5.55
CA ASP B 155 -8.94 -4.05 4.82
C ASP B 155 -9.11 -4.33 3.34
N ASP B 156 -10.36 -4.65 2.99
CA ASP B 156 -10.71 -5.11 1.64
C ASP B 156 -12.11 -4.62 1.34
N PRO B 157 -12.26 -3.57 0.53
CA PRO B 157 -13.61 -3.02 0.27
C PRO B 157 -14.51 -3.97 -0.50
N GLU B 158 -13.95 -4.74 -1.44
CA GLU B 158 -14.78 -5.65 -2.22
C GLU B 158 -15.30 -6.78 -1.35
N GLU B 159 -14.45 -7.28 -0.44
CA GLU B 159 -14.87 -8.35 0.45
C GLU B 159 -15.89 -7.86 1.46
N VAL B 160 -15.59 -6.75 2.13
CA VAL B 160 -16.49 -6.26 3.19
C VAL B 160 -17.86 -5.89 2.62
N PHE B 161 -17.87 -5.16 1.51
CA PHE B 161 -19.17 -4.73 1.00
C PHE B 161 -19.96 -5.92 0.45
N ALA B 162 -19.28 -6.87 -0.19
CA ALA B 162 -20.02 -8.01 -0.72
C ALA B 162 -20.61 -8.86 0.40
N THR B 163 -19.88 -9.03 1.52
CA THR B 163 -20.46 -9.82 2.61
C THR B 163 -21.55 -9.04 3.36
N VAL B 164 -21.44 -7.72 3.45
CA VAL B 164 -22.48 -6.92 4.10
C VAL B 164 -23.76 -6.98 3.28
N LEU B 165 -23.64 -6.79 1.96
CA LEU B 165 -24.81 -6.83 1.09
C LEU B 165 -25.52 -8.18 1.17
N ASN B 166 -24.76 -9.27 1.16
CA ASN B 166 -25.37 -10.58 1.30
C ASN B 166 -26.12 -10.71 2.63
N TYR B 167 -25.50 -10.22 3.70
CA TYR B 167 -26.11 -10.27 5.03
C TYR B 167 -27.36 -9.41 5.11
N LEU B 168 -27.45 -8.37 4.29
CA LEU B 168 -28.64 -7.54 4.24
C LEU B 168 -29.67 -8.06 3.24
N GLY B 169 -29.44 -9.24 2.68
CA GLY B 169 -30.36 -9.79 1.71
C GLY B 169 -30.22 -9.22 0.31
N LYS B 170 -29.21 -8.42 0.05
CA LYS B 170 -28.99 -7.92 -1.29
C LYS B 170 -28.11 -8.89 -2.06
N ASP B 171 -28.05 -8.69 -3.37
CA ASP B 171 -27.07 -9.40 -4.18
C ASP B 171 -25.66 -9.08 -3.67
N PRO B 172 -24.84 -10.08 -3.32
CA PRO B 172 -23.45 -9.78 -2.94
C PRO B 172 -22.72 -8.97 -3.99
N ASN B 173 -23.05 -9.17 -5.26
CA ASN B 173 -22.44 -8.43 -6.35
C ASN B 173 -23.44 -7.42 -6.89
N SER B 174 -24.10 -6.69 -5.99
CA SER B 174 -25.16 -5.77 -6.38
C SER B 174 -24.65 -4.67 -7.31
N THR B 175 -25.38 -4.41 -8.39
CA THR B 175 -25.05 -3.33 -9.30
C THR B 175 -25.97 -2.11 -9.12
N LYS B 176 -26.62 -1.99 -7.95
CA LYS B 176 -27.49 -0.85 -7.68
C LYS B 176 -26.82 0.03 -6.63
N ALA B 177 -26.47 1.26 -7.03
CA ALA B 177 -25.67 2.13 -6.18
C ALA B 177 -26.32 2.40 -4.83
N ASP B 178 -27.66 2.48 -4.80
CA ASP B 178 -28.37 2.78 -3.56
C ASP B 178 -28.15 1.72 -2.49
N ASP B 179 -27.79 0.48 -2.90
CA ASP B 179 -27.46 -0.56 -1.94
C ASP B 179 -26.19 -0.22 -1.16
N TYR B 180 -25.20 0.35 -1.85
CA TYR B 180 -23.92 0.65 -1.20
C TYR B 180 -24.05 1.92 -0.35
N THR B 181 -24.61 3.00 -0.92
CA THR B 181 -24.72 4.25 -0.18
C THR B 181 -25.79 4.18 0.90
N GLY B 182 -26.78 3.31 0.71
CA GLY B 182 -27.85 3.19 1.67
C GLY B 182 -27.59 2.15 2.74
N PRO B 183 -28.27 1.02 2.66
CA PRO B 183 -28.21 0.08 3.79
C PRO B 183 -26.81 -0.52 4.04
N ALA B 184 -25.97 -0.71 3.01
CA ALA B 184 -24.63 -1.22 3.28
C ALA B 184 -23.84 -0.23 4.13
N THR B 185 -23.82 1.03 3.73
CA THR B 185 -23.13 2.06 4.53
C THR B 185 -23.79 2.21 5.90
N ASP B 186 -25.13 2.11 5.96
CA ASP B 186 -25.85 2.30 7.22
C ASP B 186 -25.40 1.30 8.27
N LEU B 187 -25.31 0.03 7.90
CA LEU B 187 -24.87 -0.99 8.85
C LEU B 187 -23.41 -0.79 9.25
N LEU B 188 -22.54 -0.52 8.27
CA LEU B 188 -21.12 -0.37 8.59
C LEU B 188 -20.87 0.75 9.58
N LEU B 189 -21.52 1.90 9.37
CA LEU B 189 -21.35 3.00 10.33
C LEU B 189 -21.85 2.60 11.72
N LYS B 190 -22.91 1.78 11.80
CA LYS B 190 -23.33 1.31 13.12
C LYS B 190 -22.33 0.34 13.73
N LEU B 191 -21.67 -0.47 12.88
CA LEU B 191 -20.64 -1.39 13.36
C LEU B 191 -19.32 -0.67 13.61
N ARG B 192 -19.05 0.40 12.85
CA ARG B 192 -17.76 1.09 12.86
C ARG B 192 -17.18 1.39 14.24
N PRO B 193 -17.91 1.97 15.20
CA PRO B 193 -17.27 2.32 16.48
C PRO B 193 -16.79 1.12 17.29
N ASN B 194 -17.24 -0.10 16.97
CA ASN B 194 -16.82 -1.30 17.68
C ASN B 194 -15.68 -2.04 17.00
N ILE B 195 -15.28 -1.60 15.81
CA ILE B 195 -14.20 -2.24 15.06
C ILE B 195 -12.88 -1.69 15.56
N ARG B 196 -12.02 -2.58 16.05
CA ARG B 196 -10.71 -2.12 16.52
C ARG B 196 -9.86 -1.64 15.36
N TYR B 197 -9.78 -2.42 14.27
CA TYR B 197 -9.04 -1.97 13.11
C TYR B 197 -9.50 -2.73 11.87
N PHE B 198 -9.16 -2.15 10.70
CA PHE B 198 -9.30 -2.81 9.41
C PHE B 198 -7.90 -3.24 8.98
N HIS B 199 -7.66 -4.54 8.90
CA HIS B 199 -6.35 -5.00 8.45
C HIS B 199 -6.49 -6.43 7.97
N SER B 200 -5.74 -6.78 6.92
CA SER B 200 -5.91 -8.07 6.25
C SER B 200 -4.78 -9.06 6.57
N SER B 201 -3.95 -8.80 7.57
CA SER B 201 -2.96 -9.80 7.96
C SER B 201 -2.57 -9.75 9.43
N GLN B 202 -2.66 -8.59 10.08
CA GLN B 202 -2.35 -8.53 11.50
C GLN B 202 -3.29 -9.38 12.33
N TYR B 203 -4.51 -9.63 11.84
CA TYR B 203 -5.46 -10.37 12.64
C TYR B 203 -5.03 -11.82 12.84
N ILE B 204 -4.08 -12.33 12.05
CA ILE B 204 -3.64 -13.72 12.23
C ILE B 204 -2.96 -13.90 13.58
N ASN B 205 -1.92 -13.12 13.84
CA ASN B 205 -1.26 -13.24 15.14
C ASN B 205 -2.13 -12.70 16.26
N ASP B 206 -3.02 -11.75 15.98
CA ASP B 206 -3.89 -11.24 17.05
C ASP B 206 -4.91 -12.29 17.49
N LEU B 207 -5.44 -13.07 16.54
CA LEU B 207 -6.28 -14.21 16.89
C LEU B 207 -5.48 -15.25 17.66
N ALA B 208 -4.25 -15.55 17.19
CA ALA B 208 -3.44 -16.60 17.80
C ALA B 208 -3.09 -16.28 19.23
N ASN B 209 -2.88 -15.00 19.56
CA ASN B 209 -2.45 -14.60 20.90
C ASN B 209 -3.61 -14.34 21.85
N GLY B 210 -4.84 -14.35 21.36
CA GLY B 210 -5.98 -13.99 22.17
C GLY B 210 -6.21 -12.49 22.28
N ASP B 211 -5.58 -11.68 21.43
CA ASP B 211 -5.70 -10.24 21.52
C ASP B 211 -6.91 -9.70 20.78
N ILE B 212 -7.37 -10.39 19.72
CA ILE B 212 -8.68 -10.07 19.18
C ILE B 212 -9.49 -11.36 19.20
N CYS B 213 -10.79 -11.18 19.35
CA CYS B 213 -11.68 -12.31 19.59
CA CYS B 213 -11.72 -12.27 19.61
C CYS B 213 -12.58 -12.66 18.42
N VAL B 214 -12.79 -11.74 17.47
CA VAL B 214 -13.57 -12.02 16.27
C VAL B 214 -12.96 -11.24 15.12
N ALA B 215 -12.86 -11.88 13.95
CA ALA B 215 -12.29 -11.24 12.79
C ALA B 215 -12.99 -11.68 11.52
N ILE B 216 -13.21 -10.74 10.61
CA ILE B 216 -13.45 -11.18 9.23
C ILE B 216 -12.10 -11.64 8.68
N GLY B 217 -12.04 -12.91 8.27
CA GLY B 217 -10.75 -13.50 7.95
C GLY B 217 -10.82 -14.50 6.81
N TRP B 218 -9.69 -14.67 6.13
CA TRP B 218 -9.58 -15.68 5.10
C TRP B 218 -9.32 -17.05 5.74
N ALA B 219 -9.96 -18.09 5.21
CA ALA B 219 -10.08 -19.36 5.95
C ALA B 219 -8.72 -19.88 6.42
N GLY B 220 -7.78 -20.10 5.49
CA GLY B 220 -6.48 -20.65 5.89
C GLY B 220 -5.74 -19.78 6.89
N ASP B 221 -5.86 -18.44 6.75
CA ASP B 221 -5.27 -17.53 7.73
C ASP B 221 -5.72 -17.88 9.15
N VAL B 222 -7.03 -18.10 9.33
CA VAL B 222 -7.58 -18.33 10.66
C VAL B 222 -7.15 -19.70 11.20
N TRP B 223 -7.12 -20.71 10.34
CA TRP B 223 -6.64 -22.01 10.79
C TRP B 223 -5.15 -21.94 11.16
N GLN B 224 -4.39 -21.11 10.45
CA GLN B 224 -3.00 -20.87 10.83
C GLN B 224 -2.92 -20.22 12.21
N ALA B 225 -3.76 -19.21 12.46
CA ALA B 225 -3.80 -18.63 13.80
C ALA B 225 -4.12 -19.70 14.83
N SER B 226 -5.13 -20.53 14.54
CA SER B 226 -5.49 -21.62 15.43
C SER B 226 -4.33 -22.57 15.64
N ASN B 227 -3.62 -22.90 14.57
CA ASN B 227 -2.53 -23.86 14.70
C ASN B 227 -1.35 -23.25 15.46
N ARG B 228 -1.10 -21.95 15.25
CA ARG B 228 -0.01 -21.29 15.96
C ARG B 228 -0.28 -21.27 17.46
N ALA B 229 -1.52 -21.00 17.84
CA ALA B 229 -1.88 -21.07 19.26
C ALA B 229 -1.64 -22.46 19.82
N LYS B 230 -2.04 -23.49 19.08
CA LYS B 230 -1.81 -24.87 19.53
C LYS B 230 -0.31 -25.20 19.57
N GLU B 231 0.45 -24.78 18.55
CA GLU B 231 1.89 -25.02 18.60
C GLU B 231 2.56 -24.25 19.73
N ALA B 232 2.10 -23.04 20.01
CA ALA B 232 2.67 -22.26 21.10
C ALA B 232 2.23 -22.75 22.46
N LYS B 233 1.18 -23.58 22.51
CA LYS B 233 0.66 -24.13 23.77
C LYS B 233 0.23 -23.02 24.72
N ASN B 234 -0.39 -21.97 24.17
CA ASN B 234 -0.86 -20.84 24.97
C ASN B 234 -2.31 -21.00 25.40
N GLY B 235 -2.96 -22.09 25.04
CA GLY B 235 -4.34 -22.33 25.44
C GLY B 235 -5.37 -21.48 24.75
N VAL B 236 -5.00 -20.78 23.68
CA VAL B 236 -5.94 -19.96 22.92
C VAL B 236 -6.62 -20.88 21.91
N ASN B 237 -7.95 -20.79 21.85
CA ASN B 237 -8.82 -21.65 21.04
C ASN B 237 -9.39 -20.79 19.92
N VAL B 238 -8.88 -20.96 18.70
CA VAL B 238 -9.31 -20.17 17.56
C VAL B 238 -10.04 -21.10 16.59
N SER B 239 -11.21 -20.69 16.13
CA SER B 239 -11.93 -21.44 15.11
C SER B 239 -12.37 -20.50 13.99
N PHE B 240 -12.91 -21.11 12.94
CA PHE B 240 -13.33 -20.39 11.75
C PHE B 240 -14.71 -20.90 11.34
N SER B 241 -15.56 -19.99 10.88
CA SER B 241 -16.89 -20.36 10.48
C SER B 241 -17.14 -19.89 9.05
N ILE B 242 -17.69 -20.78 8.25
CA ILE B 242 -18.32 -20.44 6.97
C ILE B 242 -19.80 -20.22 7.30
N PRO B 243 -20.25 -18.98 7.47
CA PRO B 243 -21.56 -18.74 8.06
C PRO B 243 -22.72 -19.21 7.18
N LYS B 244 -23.86 -19.44 7.84
CA LYS B 244 -25.01 -20.04 7.16
C LYS B 244 -25.61 -19.15 6.08
N GLU B 245 -25.34 -17.84 6.09
CA GLU B 245 -25.94 -16.99 5.07
C GLU B 245 -25.16 -16.98 3.76
N GLY B 246 -24.08 -17.74 3.67
CA GLY B 246 -23.20 -17.73 2.52
C GLY B 246 -21.90 -16.99 2.81
N ALA B 247 -20.97 -17.15 1.88
CA ALA B 247 -19.62 -16.60 2.07
C ALA B 247 -18.96 -16.45 0.71
N MET B 248 -17.98 -15.55 0.65
CA MET B 248 -17.24 -15.38 -0.59
CA MET B 248 -17.20 -15.35 -0.56
C MET B 248 -16.26 -16.53 -0.78
N ALA B 249 -16.23 -17.05 -1.99
CA ALA B 249 -15.26 -18.07 -2.38
C ALA B 249 -14.35 -17.46 -3.46
N TRP B 250 -13.09 -17.89 -3.48
CA TRP B 250 -12.10 -17.29 -4.37
C TRP B 250 -10.99 -18.27 -4.72
N PHE B 251 -10.23 -17.92 -5.76
CA PHE B 251 -9.03 -18.63 -6.18
C PHE B 251 -7.89 -17.63 -6.29
N ASP B 252 -6.75 -17.95 -5.68
CA ASP B 252 -5.52 -17.24 -5.97
C ASP B 252 -4.73 -18.04 -6.99
N VAL B 253 -4.16 -17.33 -7.96
CA VAL B 253 -3.48 -17.93 -9.09
C VAL B 253 -2.11 -17.28 -9.26
N PHE B 254 -1.16 -18.07 -9.77
CA PHE B 254 0.14 -17.56 -10.18
C PHE B 254 0.03 -17.05 -11.61
N ALA B 255 0.61 -15.87 -11.88
CA ALA B 255 0.57 -15.23 -13.19
C ALA B 255 1.94 -14.65 -13.50
N MET B 256 2.22 -14.46 -14.78
CA MET B 256 3.51 -13.95 -15.19
C MET B 256 3.40 -12.57 -15.80
N PRO B 257 3.92 -11.53 -15.14
CA PRO B 257 3.89 -10.19 -15.74
C PRO B 257 4.52 -10.21 -17.12
N ALA B 258 3.95 -9.38 -18.00
CA ALA B 258 4.33 -9.33 -19.40
C ALA B 258 5.78 -8.89 -19.59
N ASP B 259 6.37 -8.18 -18.63
CA ASP B 259 7.78 -7.79 -18.75
C ASP B 259 8.71 -8.64 -17.89
N ALA B 260 8.27 -9.84 -17.49
CA ALA B 260 9.07 -10.71 -16.63
C ALA B 260 10.45 -10.94 -17.23
N LYS B 261 11.47 -10.83 -16.40
CA LYS B 261 12.84 -10.89 -16.88
C LYS B 261 13.30 -12.32 -17.10
N ASN B 262 13.10 -13.19 -16.11
CA ASN B 262 13.65 -14.54 -16.13
C ASN B 262 12.51 -15.55 -16.21
N LYS B 263 11.93 -15.68 -17.41
CA LYS B 263 10.75 -16.52 -17.59
C LYS B 263 11.05 -18.00 -17.36
N ASP B 264 12.19 -18.48 -17.88
CA ASP B 264 12.53 -19.89 -17.72
C ASP B 264 12.63 -20.28 -16.26
N GLU B 265 13.33 -19.46 -15.46
CA GLU B 265 13.40 -19.73 -14.02
C GLU B 265 12.01 -19.70 -13.41
N ALA B 266 11.18 -18.77 -13.87
CA ALA B 266 9.82 -18.70 -13.38
C ALA B 266 9.06 -19.97 -13.72
N TYR B 267 9.22 -20.48 -14.95
CA TYR B 267 8.56 -21.73 -15.30
C TYR B 267 9.07 -22.89 -14.44
N GLN B 268 10.36 -22.88 -14.10
CA GLN B 268 10.88 -23.89 -13.18
C GLN B 268 10.16 -23.81 -11.84
N PHE B 269 9.85 -22.61 -11.37
CA PHE B 269 9.19 -22.54 -10.08
C PHE B 269 7.73 -23.00 -10.19
N LEU B 270 7.03 -22.61 -11.27
CA LEU B 270 5.65 -23.05 -11.44
C LEU B 270 5.56 -24.57 -11.53
N ASN B 271 6.43 -25.17 -12.34
CA ASN B 271 6.44 -26.62 -12.47
C ASN B 271 6.85 -27.28 -11.16
N TYR B 272 7.70 -26.62 -10.39
CA TYR B 272 7.97 -27.06 -9.03
C TYR B 272 6.69 -27.11 -8.20
N LEU B 273 5.91 -26.01 -8.22
CA LEU B 273 4.68 -25.93 -7.43
C LEU B 273 3.66 -26.98 -7.86
N LEU B 274 3.73 -27.41 -9.12
CA LEU B 274 2.83 -28.42 -9.65
C LEU B 274 3.16 -29.82 -9.16
N ARG B 275 4.33 -30.03 -8.58
CA ARG B 275 4.70 -31.34 -8.07
C ARG B 275 3.83 -31.67 -6.86
N PRO B 276 3.21 -32.85 -6.81
CA PRO B 276 2.20 -33.10 -5.77
C PRO B 276 2.74 -32.96 -4.35
N ASP B 277 3.97 -33.40 -4.09
CA ASP B 277 4.49 -33.28 -2.74
C ASP B 277 4.72 -31.83 -2.34
N VAL B 278 5.21 -31.00 -3.28
CA VAL B 278 5.54 -29.62 -2.98
C VAL B 278 4.30 -28.85 -2.55
N VAL B 279 3.21 -28.99 -3.30
CA VAL B 279 2.04 -28.19 -2.99
C VAL B 279 1.22 -28.80 -1.85
N ALA B 280 1.26 -30.12 -1.65
CA ALA B 280 0.63 -30.67 -0.46
C ALA B 280 1.38 -30.22 0.79
N HIS B 281 2.71 -30.23 0.75
CA HIS B 281 3.49 -29.66 1.85
C HIS B 281 3.04 -28.23 2.17
N ILE B 282 2.71 -27.43 1.15
CA ILE B 282 2.29 -26.05 1.42
C ILE B 282 0.93 -26.04 2.12
N SER B 283 -0.04 -26.81 1.59
CA SER B 283 -1.36 -26.88 2.22
C SER B 283 -1.27 -27.34 3.66
N ASP B 284 -0.30 -28.22 3.96
CA ASP B 284 -0.10 -28.71 5.32
C ASP B 284 0.26 -27.59 6.27
N HIS B 285 0.98 -26.57 5.78
CA HIS B 285 1.46 -25.50 6.64
C HIS B 285 0.60 -24.25 6.62
N VAL B 286 -0.05 -23.91 5.51
CA VAL B 286 -0.87 -22.71 5.45
C VAL B 286 -2.36 -22.99 5.58
N PHE B 287 -2.76 -24.27 5.63
CA PHE B 287 -4.15 -24.67 5.88
C PHE B 287 -5.10 -24.10 4.82
N TYR B 288 -4.63 -24.10 3.57
CA TYR B 288 -5.42 -23.71 2.42
C TYR B 288 -5.53 -24.89 1.47
N ALA B 289 -6.67 -25.01 0.83
CA ALA B 289 -6.85 -26.04 -0.20
C ALA B 289 -6.14 -25.63 -1.48
N ASN B 290 -5.28 -26.49 -2.00
CA ASN B 290 -4.69 -26.20 -3.30
C ASN B 290 -5.55 -26.76 -4.42
N ALA B 291 -5.29 -26.28 -5.63
CA ALA B 291 -6.03 -26.65 -6.82
C ALA B 291 -5.41 -27.84 -7.54
N ASN B 292 -4.62 -28.65 -6.85
CA ASN B 292 -3.88 -29.75 -7.47
C ASN B 292 -4.56 -31.08 -7.10
N LYS B 293 -5.22 -31.70 -8.09
CA LYS B 293 -5.92 -32.96 -7.84
C LYS B 293 -4.95 -34.08 -7.49
N ALA B 294 -3.73 -34.05 -8.04
CA ALA B 294 -2.78 -35.11 -7.74
C ALA B 294 -2.28 -34.99 -6.31
N ALA B 295 -2.38 -33.80 -5.72
CA ALA B 295 -1.81 -33.55 -4.41
C ALA B 295 -2.74 -33.88 -3.26
N THR B 296 -4.06 -33.88 -3.48
CA THR B 296 -5.03 -34.09 -2.40
C THR B 296 -4.70 -35.28 -1.51
N PRO B 297 -4.35 -36.47 -2.03
CA PRO B 297 -4.04 -37.59 -1.12
C PRO B 297 -2.83 -37.33 -0.24
N LEU B 298 -1.92 -36.45 -0.63
CA LEU B 298 -0.75 -36.19 0.20
C LEU B 298 -1.01 -35.16 1.31
N VAL B 299 -2.08 -34.39 1.21
CA VAL B 299 -2.36 -33.41 2.24
C VAL B 299 -2.76 -34.11 3.53
N SER B 300 -2.25 -33.61 4.66
CA SER B 300 -2.52 -34.20 5.97
C SER B 300 -4.02 -34.28 6.24
N ALA B 301 -4.42 -35.31 6.99
CA ALA B 301 -5.83 -35.51 7.28
C ALA B 301 -6.43 -34.32 8.04
N GLU B 302 -5.65 -33.72 8.94
CA GLU B 302 -6.13 -32.54 9.66
C GLU B 302 -6.61 -31.47 8.70
N VAL B 303 -5.90 -31.28 7.60
CA VAL B 303 -6.26 -30.24 6.63
C VAL B 303 -7.34 -30.76 5.70
N ARG B 304 -7.16 -31.98 5.20
CA ARG B 304 -8.05 -32.51 4.18
C ARG B 304 -9.45 -32.72 4.74
N GLU B 305 -9.54 -33.14 5.99
CA GLU B 305 -10.82 -33.45 6.60
C GLU B 305 -11.47 -32.25 7.28
N ASN B 306 -10.86 -31.08 7.21
CA ASN B 306 -11.41 -29.86 7.79
C ASN B 306 -12.43 -29.24 6.84
N PRO B 307 -13.72 -29.29 7.18
CA PRO B 307 -14.74 -28.71 6.29
C PRO B 307 -14.65 -27.18 6.18
N GLY B 308 -13.83 -26.52 7.00
CA GLY B 308 -13.54 -25.11 6.79
C GLY B 308 -12.41 -24.84 5.83
N ILE B 309 -11.80 -25.91 5.32
CA ILE B 309 -10.71 -25.84 4.36
C ILE B 309 -11.10 -26.53 3.05
N TYR B 310 -11.53 -27.79 3.14
CA TYR B 310 -12.07 -28.53 2.01
C TYR B 310 -13.56 -28.72 2.23
N PRO B 311 -14.40 -27.70 2.02
CA PRO B 311 -15.81 -27.81 2.40
C PRO B 311 -16.56 -28.80 1.52
N PRO B 312 -17.51 -29.56 2.09
CA PRO B 312 -18.26 -30.52 1.28
C PRO B 312 -19.22 -29.83 0.34
N ALA B 313 -19.94 -30.60 -0.49
CA ALA B 313 -20.76 -30.01 -1.55
C ALA B 313 -21.90 -29.15 -1.01
N ASP B 314 -22.48 -29.52 0.13
CA ASP B 314 -23.56 -28.70 0.69
C ASP B 314 -23.05 -27.34 1.13
N VAL B 315 -21.84 -27.29 1.69
CA VAL B 315 -21.28 -26.02 2.13
C VAL B 315 -20.90 -25.18 0.92
N ARG B 316 -20.47 -25.81 -0.17
CA ARG B 316 -20.11 -25.04 -1.35
C ARG B 316 -21.33 -24.38 -1.98
N ALA B 317 -22.52 -24.98 -1.82
CA ALA B 317 -23.71 -24.47 -2.48
C ALA B 317 -24.12 -23.08 -2.00
N LYS B 318 -23.72 -22.65 -0.80
CA LYS B 318 -24.07 -21.33 -0.31
C LYS B 318 -23.05 -20.27 -0.69
N LEU B 319 -21.97 -20.66 -1.37
CA LEU B 319 -20.89 -19.73 -1.66
C LEU B 319 -21.19 -18.91 -2.88
N PHE B 320 -20.65 -17.70 -2.90
CA PHE B 320 -20.70 -16.80 -4.03
C PHE B 320 -19.28 -16.35 -4.32
N THR B 321 -19.07 -15.78 -5.52
CA THR B 321 -17.76 -15.33 -5.93
C THR B 321 -17.80 -13.86 -6.33
N GLN B 322 -16.63 -13.22 -6.38
CA GLN B 322 -16.57 -11.77 -6.53
C GLN B 322 -16.70 -11.40 -8.01
N LYS B 323 -17.63 -10.47 -8.29
CA LYS B 323 -17.80 -9.92 -9.63
C LYS B 323 -16.92 -8.70 -9.80
N VAL B 324 -16.35 -8.54 -10.99
CA VAL B 324 -15.62 -7.32 -11.32
C VAL B 324 -16.65 -6.25 -11.65
N GLN B 325 -16.71 -5.21 -10.83
CA GLN B 325 -17.73 -4.18 -10.97
C GLN B 325 -17.32 -3.12 -11.98
N ASP B 326 -18.33 -2.59 -12.68
CA ASP B 326 -18.10 -1.49 -13.60
CA ASP B 326 -18.14 -1.48 -13.60
C ASP B 326 -17.59 -0.27 -12.84
N PRO B 327 -16.96 0.69 -13.54
CA PRO B 327 -16.38 1.84 -12.84
C PRO B 327 -17.39 2.68 -12.05
N LYS B 328 -18.67 2.66 -12.41
CA LYS B 328 -19.64 3.45 -11.66
C LYS B 328 -19.86 2.87 -10.27
N ILE B 329 -20.13 1.56 -10.18
CA ILE B 329 -20.33 0.93 -8.88
C ILE B 329 -19.02 0.89 -8.11
N ASP B 330 -17.90 0.69 -8.81
CA ASP B 330 -16.59 0.73 -8.16
C ASP B 330 -16.34 2.08 -7.49
N ARG B 331 -16.74 3.17 -8.14
CA ARG B 331 -16.63 4.49 -7.52
C ARG B 331 -17.51 4.58 -6.27
N VAL B 332 -18.79 4.21 -6.42
CA VAL B 332 -19.76 4.28 -5.33
C VAL B 332 -19.28 3.47 -4.13
N ARG B 333 -18.86 2.23 -4.37
CA ARG B 333 -18.40 1.38 -3.28
C ARG B 333 -17.11 1.94 -2.67
N THR B 334 -16.17 2.39 -3.50
CA THR B 334 -14.92 2.89 -2.95
C THR B 334 -15.17 4.13 -2.11
N ARG B 335 -16.01 5.06 -2.59
CA ARG B 335 -16.36 6.24 -1.79
C ARG B 335 -16.94 5.82 -0.44
N ALA B 336 -17.92 4.92 -0.48
CA ALA B 336 -18.55 4.46 0.76
C ALA B 336 -17.53 3.82 1.67
N TRP B 337 -16.56 3.09 1.09
CA TRP B 337 -15.49 2.46 1.87
C TRP B 337 -14.68 3.52 2.61
N THR B 338 -14.26 4.58 1.90
CA THR B 338 -13.49 5.62 2.58
C THR B 338 -14.33 6.29 3.66
N LYS B 339 -15.60 6.54 3.38
CA LYS B 339 -16.49 7.10 4.39
C LYS B 339 -16.56 6.21 5.63
N VAL B 340 -16.68 4.90 5.43
CA VAL B 340 -16.83 3.98 6.56
C VAL B 340 -15.54 3.90 7.37
N LYS B 341 -14.40 3.79 6.69
CA LYS B 341 -13.14 3.64 7.41
C LYS B 341 -12.83 4.84 8.28
N SER B 342 -13.45 5.99 8.00
CA SER B 342 -13.29 7.16 8.85
C SER B 342 -14.32 7.21 9.97
N GLY B 343 -15.52 6.66 9.74
CA GLY B 343 -16.55 6.59 10.76
C GLY B 343 -16.98 7.95 11.28
C10 3IZ C . -16.90 22.04 11.23
C13 3IZ C . -17.50 17.51 11.19
C11 3IZ C . -18.05 19.81 10.49
C14 3IZ C . -17.67 16.58 12.43
C16 3IZ C . -16.39 15.21 13.89
C01 3IZ C . -22.30 17.96 6.77
C02 3IZ C . -21.30 18.68 7.69
C03 3IZ C . -20.29 19.57 6.91
C05 3IZ C . -20.62 21.24 8.67
C06 3IZ C . -22.00 21.93 8.90
C07 3IZ C . -19.38 22.12 9.17
C09 3IZ C . -18.22 21.23 11.22
N17 3IZ C . -20.59 17.68 8.45
O04 3IZ C . -20.43 20.97 7.27
O08 3IZ C . -19.28 22.05 10.60
O12 3IZ C . -18.19 18.75 11.46
O15 3IZ C . -16.41 16.00 12.73
C07 JFN D . 16.86 34.35 -5.16
C08 JFN D . 17.53 34.00 -2.21
C09 JFN D . 18.39 34.70 -3.34
C15 JFN D . 18.24 34.03 -0.89
N04 JFN D . 16.21 34.66 -2.01
O02 JFN D . 17.40 35.28 -4.29
C07 JFN E . -25.95 21.00 -2.67
C08 JFN E . -28.58 20.20 -1.20
C09 JFN E . -27.09 20.37 -0.68
C15 JFN E . -28.81 18.80 -1.86
N04 JFN E . -29.56 20.38 -0.09
O02 JFN E . -26.21 19.96 -1.79
N1 SPD F . 4.52 14.62 4.82
C2 SPD F . 4.10 14.78 3.44
C3 SPD F . 5.30 14.95 2.51
C4 SPD F . 4.85 14.42 1.15
C5 SPD F . 5.61 15.04 -0.01
N6 SPD F . 5.88 14.02 -1.01
C7 SPD F . 6.99 14.38 -1.88
C8 SPD F . 7.50 13.17 -2.67
C9 SPD F . 8.48 13.67 -3.71
N10 SPD F . 9.08 12.57 -4.45
C01 3IE G . 14.46 26.50 -9.41
C02 3IE G . 14.63 25.55 -8.20
C03 3IE G . 13.35 25.50 -7.31
C05 3IE G . 12.06 27.42 -6.70
N06 3IE G . 15.10 24.24 -8.63
O04 3IE G . 13.17 26.64 -6.52
C01 3IE H . -22.75 10.22 -0.42
C02 3IE H . -22.14 11.19 -1.44
C03 3IE H . -22.54 12.68 -1.17
C05 3IE H . -22.82 13.98 -3.12
N06 3IE H . -20.71 11.01 -1.45
O04 3IE H . -22.03 13.58 -2.09
CL CL I . 7.93 16.71 -8.86
C07 JFN J . 20.03 -12.53 -13.50
C08 JFN J . 19.02 -9.85 -12.03
C09 JFN J . 18.29 -11.10 -12.70
C15 JFN J . 17.99 -8.94 -11.32
N04 JFN J . 20.02 -10.30 -11.02
O02 JFN J . 19.14 -12.28 -12.45
C07 JFN K . -15.37 -21.09 -6.24
C08 JFN K . -16.88 -24.11 -5.15
C09 JFN K . -16.96 -22.53 -5.27
C15 JFN K . -18.09 -24.77 -5.92
N04 JFN K . -15.59 -24.66 -5.64
O02 JFN K . -15.55 -22.06 -5.27
C07 JFN L . -3.64 -39.15 6.73
C08 JFN L . -0.99 -37.21 8.30
C09 JFN L . -2.52 -37.65 8.23
C15 JFN L . -0.71 -36.35 9.58
N04 JFN L . -0.10 -38.40 8.33
O02 JFN L . -2.75 -38.08 6.82
N1 SPD M . -2.51 -15.33 3.16
C2 SPD M . -3.56 -15.79 2.25
C3 SPD M . -4.12 -14.58 1.51
C4 SPD M . -4.72 -15.05 0.19
C5 SPD M . -5.70 -14.03 -0.42
N6 SPD M . -7.06 -14.51 -0.34
C7 SPD M . -7.80 -14.04 -1.51
C8 SPD M . -8.96 -13.14 -1.16
C9 SPD M . -9.61 -12.66 -2.45
N10 SPD M . -10.80 -11.85 -2.17
C01 3IE N . 18.17 -21.98 3.65
C02 3IE N . 18.53 -22.86 2.44
C03 3IE N . 18.75 -22.05 1.14
C05 3IE N . 20.30 -22.34 -0.64
N06 3IE N . 19.66 -23.72 2.74
O04 3IE N . 19.22 -22.79 0.08
CL CL O . -11.55 -15.35 -7.35
#